data_7ZHK
#
_entry.id   7ZHK
#
_cell.length_a   117.689
_cell.length_b   141.878
_cell.length_c   100.239
_cell.angle_alpha   90.000
_cell.angle_beta   90.000
_cell.angle_gamma   90.000
#
_symmetry.space_group_name_H-M   'C 2 2 21'
#
loop_
_entity.id
_entity.type
_entity.pdbx_description
1 polymer GTPase
2 non-polymer 'MAGNESIUM ION'
3 non-polymer "GUANOSINE-5'-DIPHOSPHATE"
4 water water
#
_entity_poly.entity_id   1
_entity_poly.type   'polypeptide(L)'
_entity_poly.pdbx_seq_one_letter_code
;MHHHHHHHHHHLEVLFQGPSYFIFVLGTAGSGKTTLVKALQDYLLNNELDTAIINLDPAVEVLPYKPDIDAREYVDVYDV
MNKYELGPNSSLVISVDLLLTKAKELKEDLNQLQANYVLVDTPGQIELFAYRDTGKILSSFISEGSKSVSVFLFDSYLSK
DPKSFLSLFLLSSSIKFRIDMPQISVLSKVDLLSSSELERMRSWIEDGSIIDELGSIDEYSFELVKTIVENLESFPIPVS
STNFSGLDQLYAEVQKVLAGGEDFETEEPNPRLA
;
_entity_poly.pdbx_strand_id   A,B,C
#
loop_
_chem_comp.id
_chem_comp.type
_chem_comp.name
_chem_comp.formula
GDP RNA linking GUANOSINE-5'-DIPHOSPHATE 'C10 H15 N5 O11 P2'
MG non-polymer 'MAGNESIUM ION' 'Mg 2'
#
# COMPACT_ATOMS: atom_id res chain seq x y z
N PRO A 19 26.46 -12.56 14.45
CA PRO A 19 25.58 -13.25 13.50
C PRO A 19 24.40 -12.39 13.07
N SER A 20 24.52 -11.76 11.91
CA SER A 20 23.49 -10.88 11.38
C SER A 20 22.69 -11.58 10.30
N TYR A 21 21.38 -11.41 10.34
CA TYR A 21 20.46 -12.01 9.37
C TYR A 21 19.63 -10.92 8.73
N PHE A 22 19.50 -10.98 7.41
CA PHE A 22 18.76 -9.98 6.64
C PHE A 22 17.48 -10.59 6.12
N ILE A 23 16.36 -9.93 6.38
CA ILE A 23 15.05 -10.36 5.92
C ILE A 23 14.53 -9.30 4.97
N PHE A 24 14.38 -9.66 3.69
CA PHE A 24 13.91 -8.75 2.66
C PHE A 24 12.42 -9.00 2.46
N VAL A 25 11.61 -7.96 2.61
CA VAL A 25 10.17 -8.06 2.53
C VAL A 25 9.73 -7.57 1.15
N LEU A 26 9.16 -8.46 0.36
CA LEU A 26 8.71 -8.17 -1.00
C LEU A 26 7.21 -8.42 -1.12
N GLY A 27 6.64 -7.90 -2.20
CA GLY A 27 5.23 -8.07 -2.46
C GLY A 27 4.70 -6.95 -3.31
N THR A 28 3.50 -7.16 -3.84
CA THR A 28 2.85 -6.14 -4.64
C THR A 28 2.56 -4.89 -3.81
N ALA A 29 2.28 -3.79 -4.52
CA ALA A 29 1.99 -2.53 -3.85
C ALA A 29 0.74 -2.67 -2.98
N GLY A 30 0.83 -2.20 -1.74
CA GLY A 30 -0.28 -2.27 -0.82
C GLY A 30 -0.56 -3.65 -0.26
N SER A 31 0.32 -4.62 -0.50
CA SER A 31 0.12 -5.96 0.03
C SER A 31 0.47 -6.07 1.51
N GLY A 32 1.05 -5.04 2.11
CA GLY A 32 1.34 -5.01 3.52
C GLY A 32 2.79 -5.11 3.92
N LYS A 33 3.74 -4.81 3.02
CA LYS A 33 5.15 -4.94 3.34
C LYS A 33 5.54 -4.08 4.53
N THR A 34 5.25 -2.78 4.45
CA THR A 34 5.69 -1.86 5.50
C THR A 34 5.04 -2.19 6.85
N THR A 35 3.75 -2.53 6.84
CA THR A 35 3.08 -2.87 8.08
C THR A 35 3.62 -4.16 8.67
N LEU A 36 3.96 -5.13 7.82
CA LEU A 36 4.54 -6.38 8.32
C LEU A 36 5.90 -6.15 8.95
N VAL A 37 6.68 -5.22 8.40
CA VAL A 37 7.99 -4.90 8.99
C VAL A 37 7.82 -4.42 10.42
N LYS A 38 6.82 -3.58 10.67
CA LYS A 38 6.55 -3.14 12.04
C LYS A 38 6.07 -4.30 12.91
N ALA A 39 5.18 -5.14 12.38
CA ALA A 39 4.67 -6.26 13.16
C ALA A 39 5.75 -7.29 13.43
N LEU A 40 6.61 -7.56 12.44
CA LEU A 40 7.69 -8.50 12.64
C LEU A 40 8.70 -7.97 13.64
N GLN A 41 9.02 -6.68 13.58
CA GLN A 41 9.89 -6.08 14.58
C GLN A 41 9.30 -6.22 15.97
N ASP A 42 7.99 -6.00 16.10
CA ASP A 42 7.34 -6.13 17.41
C ASP A 42 7.42 -7.56 17.92
N TYR A 43 7.21 -8.54 17.04
CA TYR A 43 7.30 -9.93 17.46
C TYR A 43 8.72 -10.28 17.92
N LEU A 44 9.72 -9.84 17.17
CA LEU A 44 11.10 -10.18 17.51
C LEU A 44 11.55 -9.49 18.79
N LEU A 45 11.17 -8.22 18.97
CA LEU A 45 11.50 -7.53 20.21
C LEU A 45 10.79 -8.15 21.42
N ASN A 46 9.58 -8.67 21.24
CA ASN A 46 8.90 -9.38 22.32
C ASN A 46 9.69 -10.61 22.77
N ASN A 47 10.39 -11.26 21.84
CA ASN A 47 11.22 -12.41 22.13
C ASN A 47 12.68 -12.03 22.37
N GLU A 48 12.96 -10.73 22.59
CA GLU A 48 14.27 -10.26 23.01
C GLU A 48 15.34 -10.61 21.97
N LEU A 49 15.08 -10.20 20.73
CA LEU A 49 16.01 -10.34 19.63
C LEU A 49 16.23 -8.96 19.05
N ASP A 50 17.48 -8.50 19.05
CA ASP A 50 17.81 -7.13 18.62
C ASP A 50 17.72 -7.00 17.11
N THR A 51 16.70 -6.30 16.62
CA THR A 51 16.44 -6.16 15.20
C THR A 51 16.49 -4.69 14.78
N ALA A 52 17.19 -4.44 13.68
CA ALA A 52 17.21 -3.15 13.02
C ALA A 52 16.33 -3.20 11.78
N ILE A 53 15.99 -2.02 11.28
CA ILE A 53 15.15 -1.87 10.10
C ILE A 53 15.82 -0.94 9.11
N ILE A 54 15.95 -1.38 7.87
CA ILE A 54 16.35 -0.54 6.75
C ILE A 54 15.12 -0.30 5.88
N ASN A 55 14.80 0.97 5.65
CA ASN A 55 13.77 1.34 4.69
C ASN A 55 14.45 1.73 3.38
N LEU A 56 14.16 0.98 2.32
CA LEU A 56 14.70 1.25 1.00
C LEU A 56 13.70 1.94 0.08
N ASP A 57 12.54 2.35 0.61
CA ASP A 57 11.56 3.08 -0.16
C ASP A 57 11.81 4.56 -0.01
N PRO A 58 12.33 5.25 -1.04
CA PRO A 58 12.61 6.69 -0.91
C PRO A 58 11.39 7.59 -1.07
N ALA A 59 10.21 7.02 -1.26
CA ALA A 59 9.01 7.82 -1.55
C ALA A 59 7.89 7.59 -0.55
N VAL A 60 8.14 6.89 0.55
CA VAL A 60 7.09 6.62 1.52
C VAL A 60 6.90 7.86 2.39
N GLU A 61 5.63 8.24 2.60
CA GLU A 61 5.33 9.45 3.36
C GLU A 61 5.47 9.21 4.86
N VAL A 62 4.68 8.29 5.40
CA VAL A 62 4.62 8.03 6.83
C VAL A 62 5.05 6.59 7.08
N LEU A 63 5.95 6.39 8.04
CA LEU A 63 6.38 5.08 8.46
C LEU A 63 5.76 4.72 9.81
N PRO A 64 5.28 3.48 9.98
CA PRO A 64 4.74 3.07 11.28
C PRO A 64 5.80 2.60 12.26
N TYR A 65 7.07 2.55 11.85
CA TYR A 65 8.17 2.13 12.69
C TYR A 65 9.25 3.20 12.68
N LYS A 66 10.29 2.96 13.47
CA LYS A 66 11.44 3.85 13.53
C LYS A 66 12.62 3.20 12.83
N PRO A 67 12.97 3.64 11.61
CA PRO A 67 14.04 2.98 10.86
C PRO A 67 15.43 3.36 11.34
N ASP A 68 16.30 2.35 11.42
CA ASP A 68 17.70 2.61 11.73
C ASP A 68 18.44 3.17 10.54
N ILE A 69 18.05 2.78 9.32
CA ILE A 69 18.56 3.36 8.09
C ILE A 69 17.36 3.69 7.21
N ASP A 70 17.26 4.95 6.78
CA ASP A 70 16.15 5.44 5.98
C ASP A 70 16.68 5.91 4.64
N ALA A 71 16.17 5.32 3.56
CA ALA A 71 16.62 5.72 2.22
C ALA A 71 16.28 7.18 1.93
N ARG A 72 15.21 7.70 2.54
CA ARG A 72 14.84 9.10 2.33
C ARG A 72 15.88 10.06 2.88
N GLU A 73 16.75 9.60 3.78
CA GLU A 73 17.86 10.43 4.24
C GLU A 73 19.03 10.42 3.27
N TYR A 74 18.99 9.57 2.24
CA TYR A 74 20.06 9.52 1.24
C TYR A 74 19.63 10.04 -0.12
N VAL A 75 18.37 9.85 -0.50
CA VAL A 75 17.85 10.28 -1.79
C VAL A 75 16.52 10.99 -1.55
N ASP A 76 16.45 12.25 -1.95
CA ASP A 76 15.23 13.06 -1.80
C ASP A 76 14.46 12.99 -3.12
N VAL A 77 13.34 12.28 -3.12
CA VAL A 77 12.57 12.10 -4.35
C VAL A 77 12.01 13.43 -4.85
N TYR A 78 11.74 14.38 -3.94
CA TYR A 78 11.28 15.68 -4.37
C TYR A 78 12.42 16.48 -4.99
N ASP A 79 13.64 16.34 -4.47
CA ASP A 79 14.80 16.94 -5.11
C ASP A 79 14.96 16.43 -6.52
N VAL A 80 14.78 15.11 -6.72
CA VAL A 80 14.92 14.52 -8.05
C VAL A 80 13.86 15.05 -9.00
N MET A 81 12.68 15.37 -8.49
CA MET A 81 11.57 15.80 -9.35
C MET A 81 11.90 17.12 -10.05
N ASN A 82 12.35 18.12 -9.29
CA ASN A 82 12.57 19.44 -9.86
C ASN A 82 13.99 19.64 -10.37
N LYS A 83 14.98 18.94 -9.80
CA LYS A 83 16.34 18.99 -10.32
C LYS A 83 16.37 18.49 -11.76
N TYR A 84 15.61 17.43 -12.06
CA TYR A 84 15.58 16.84 -13.40
C TYR A 84 14.38 17.28 -14.22
N GLU A 85 13.39 17.94 -13.61
CA GLU A 85 12.18 18.41 -14.30
C GLU A 85 11.41 17.23 -14.91
N LEU A 86 11.26 16.16 -14.13
CA LEU A 86 10.53 14.98 -14.54
C LEU A 86 9.30 14.78 -13.68
N GLY A 87 8.43 13.87 -14.12
CA GLY A 87 7.21 13.59 -13.41
C GLY A 87 7.42 12.58 -12.30
N PRO A 88 6.32 12.26 -11.60
CA PRO A 88 6.42 11.31 -10.49
C PRO A 88 6.93 9.94 -10.91
N ASN A 89 6.47 9.40 -12.04
CA ASN A 89 6.86 8.05 -12.44
C ASN A 89 8.35 7.96 -12.68
N SER A 90 8.88 8.82 -13.57
CA SER A 90 10.31 8.81 -13.86
C SER A 90 11.14 9.11 -12.61
N SER A 91 10.69 10.07 -11.80
CA SER A 91 11.43 10.43 -10.60
C SER A 91 11.53 9.24 -9.65
N LEU A 92 10.46 8.45 -9.54
CA LEU A 92 10.50 7.25 -8.70
C LEU A 92 11.58 6.30 -9.18
N VAL A 93 11.61 6.02 -10.49
CA VAL A 93 12.60 5.09 -11.03
C VAL A 93 14.01 5.61 -10.80
N ILE A 94 14.23 6.90 -11.06
CA ILE A 94 15.57 7.47 -10.87
C ILE A 94 15.94 7.48 -9.39
N SER A 95 14.97 7.76 -8.51
CA SER A 95 15.28 7.83 -7.09
C SER A 95 15.72 6.47 -6.56
N VAL A 96 15.05 5.40 -6.99
CA VAL A 96 15.45 4.05 -6.57
C VAL A 96 16.84 3.73 -7.12
N ASP A 97 17.12 4.14 -8.35
CA ASP A 97 18.42 3.89 -8.95
C ASP A 97 19.52 4.68 -8.24
N LEU A 98 19.20 5.87 -7.73
CA LEU A 98 20.21 6.69 -7.07
C LEU A 98 20.69 6.09 -5.76
N LEU A 99 19.94 5.13 -5.18
CA LEU A 99 20.43 4.46 -3.98
C LEU A 99 21.74 3.74 -4.22
N LEU A 100 21.99 3.32 -5.47
CA LEU A 100 23.26 2.69 -5.78
C LEU A 100 24.42 3.67 -5.70
N THR A 101 24.17 4.94 -6.06
CA THR A 101 25.20 5.96 -5.90
C THR A 101 25.48 6.23 -4.42
N LYS A 102 24.51 5.99 -3.55
CA LYS A 102 24.64 6.14 -2.12
C LYS A 102 24.96 4.82 -1.42
N ALA A 103 25.36 3.80 -2.18
CA ALA A 103 25.62 2.50 -1.58
C ALA A 103 26.83 2.53 -0.66
N LYS A 104 27.85 3.31 -1.02
CA LYS A 104 29.02 3.48 -0.15
C LYS A 104 28.60 3.92 1.24
N GLU A 105 27.85 5.03 1.31
CA GLU A 105 27.33 5.51 2.59
C GLU A 105 26.38 4.51 3.24
N LEU A 106 25.64 3.74 2.43
CA LEU A 106 24.66 2.81 2.98
C LEU A 106 25.30 1.77 3.89
N LYS A 107 26.30 1.05 3.37
CA LYS A 107 26.97 0.04 4.17
C LYS A 107 27.73 0.65 5.34
N GLU A 108 28.20 1.89 5.19
CA GLU A 108 28.90 2.57 6.27
C GLU A 108 28.01 2.71 7.50
N ASP A 109 26.76 3.13 7.30
CA ASP A 109 25.82 3.23 8.40
C ASP A 109 25.26 1.88 8.84
N LEU A 110 25.35 0.87 7.98
CA LEU A 110 24.86 -0.46 8.34
C LEU A 110 25.80 -1.13 9.33
N ASN A 111 27.10 -1.12 9.07
CA ASN A 111 28.06 -1.75 9.96
C ASN A 111 28.01 -1.15 11.37
N GLN A 112 27.54 0.10 11.50
CA GLN A 112 27.39 0.70 12.82
C GLN A 112 26.33 -0.02 13.65
N LEU A 113 25.48 -0.81 13.01
CA LEU A 113 24.47 -1.61 13.71
C LEU A 113 24.99 -2.99 14.04
N GLN A 114 24.71 -3.45 15.26
CA GLN A 114 24.98 -4.82 15.72
C GLN A 114 23.63 -5.40 16.13
N ALA A 115 22.99 -6.09 15.18
CA ALA A 115 21.69 -6.70 15.38
C ALA A 115 21.69 -8.08 14.75
N ASN A 116 20.95 -9.02 15.37
CA ASN A 116 20.92 -10.36 14.81
C ASN A 116 20.01 -10.45 13.59
N TYR A 117 19.01 -9.60 13.52
CA TYR A 117 18.08 -9.58 12.41
C TYR A 117 17.98 -8.16 11.87
N VAL A 118 17.98 -8.04 10.55
CA VAL A 118 17.85 -6.76 9.88
C VAL A 118 16.66 -6.87 8.94
N LEU A 119 15.59 -6.14 9.24
CA LEU A 119 14.42 -6.10 8.38
C LEU A 119 14.61 -5.05 7.31
N VAL A 120 14.38 -5.44 6.06
CA VAL A 120 14.59 -4.57 4.90
C VAL A 120 13.24 -4.33 4.27
N ASP A 121 12.74 -3.10 4.38
CA ASP A 121 11.52 -2.70 3.69
C ASP A 121 11.87 -2.19 2.31
N THR A 122 11.18 -2.71 1.31
CA THR A 122 11.49 -2.44 -0.09
C THR A 122 10.53 -1.40 -0.66
N PRO A 123 10.86 -0.81 -1.82
CA PRO A 123 9.95 0.16 -2.45
C PRO A 123 8.54 -0.39 -2.63
N GLY A 124 7.56 0.51 -2.75
CA GLY A 124 6.17 0.10 -2.80
C GLY A 124 5.88 -0.86 -3.94
N GLN A 125 6.31 -0.50 -5.15
CA GLN A 125 6.12 -1.35 -6.32
C GLN A 125 7.28 -2.33 -6.42
N ILE A 126 6.97 -3.63 -6.30
CA ILE A 126 7.98 -4.67 -6.39
C ILE A 126 8.69 -4.64 -7.74
N GLU A 127 8.00 -4.15 -8.78
CA GLU A 127 8.61 -4.08 -10.11
C GLU A 127 9.80 -3.14 -10.12
N LEU A 128 9.68 -1.98 -9.47
CA LEU A 128 10.79 -1.03 -9.41
C LEU A 128 12.01 -1.63 -8.72
N PHE A 129 11.81 -2.61 -7.84
CA PHE A 129 12.91 -3.22 -7.13
C PHE A 129 13.42 -4.49 -7.81
N ALA A 130 12.53 -5.44 -8.07
CA ALA A 130 12.97 -6.75 -8.54
C ALA A 130 13.44 -6.71 -9.99
N TYR A 131 12.67 -6.07 -10.87
CA TYR A 131 12.95 -6.10 -12.30
C TYR A 131 13.82 -4.94 -12.75
N ARG A 132 14.38 -4.18 -11.81
CA ARG A 132 15.42 -3.22 -12.10
C ARG A 132 16.72 -3.67 -11.46
N ASP A 133 17.84 -3.38 -12.11
CA ASP A 133 19.14 -3.87 -11.65
C ASP A 133 19.50 -3.34 -10.26
N THR A 134 18.86 -2.26 -9.81
CA THR A 134 19.12 -1.73 -8.48
C THR A 134 18.80 -2.75 -7.40
N GLY A 135 17.71 -3.49 -7.57
CA GLY A 135 17.27 -4.46 -6.58
C GLY A 135 18.30 -5.52 -6.20
N LYS A 136 18.78 -6.29 -7.16
CA LYS A 136 19.76 -7.33 -6.84
C LYS A 136 21.05 -6.74 -6.30
N ILE A 137 21.49 -5.61 -6.87
CA ILE A 137 22.76 -5.02 -6.45
C ILE A 137 22.66 -4.54 -5.02
N LEU A 138 21.60 -3.78 -4.70
CA LEU A 138 21.40 -3.33 -3.32
C LEU A 138 21.23 -4.52 -2.39
N SER A 139 20.37 -5.47 -2.78
CA SER A 139 20.12 -6.64 -1.94
C SER A 139 21.38 -7.45 -1.70
N SER A 140 22.22 -7.60 -2.74
CA SER A 140 23.48 -8.32 -2.57
C SER A 140 24.53 -7.50 -1.81
N PHE A 141 24.50 -6.17 -1.92
CA PHE A 141 25.57 -5.35 -1.36
C PHE A 141 25.46 -5.17 0.14
N ILE A 142 24.27 -4.84 0.65
CA ILE A 142 24.14 -4.50 2.07
C ILE A 142 24.15 -5.73 2.96
N SER A 143 23.79 -6.90 2.43
CA SER A 143 23.81 -8.16 3.16
C SER A 143 25.08 -8.96 2.91
N GLU A 144 26.12 -8.33 2.38
CA GLU A 144 27.37 -9.02 2.12
C GLU A 144 27.99 -9.50 3.43
N GLY A 145 28.36 -10.78 3.47
CA GLY A 145 28.90 -11.38 4.66
C GLY A 145 27.86 -11.87 5.65
N SER A 146 26.58 -11.86 5.28
CA SER A 146 25.51 -12.35 6.12
C SER A 146 24.60 -13.24 5.30
N LYS A 147 23.79 -14.03 6.00
CA LYS A 147 22.74 -14.82 5.36
C LYS A 147 21.48 -14.00 5.21
N SER A 148 20.79 -14.19 4.08
CA SER A 148 19.61 -13.42 3.73
C SER A 148 18.47 -14.35 3.40
N VAL A 149 17.25 -13.90 3.71
CA VAL A 149 16.03 -14.60 3.34
C VAL A 149 15.03 -13.57 2.86
N SER A 150 14.24 -13.94 1.85
CA SER A 150 13.22 -13.08 1.29
C SER A 150 11.83 -13.54 1.73
N VAL A 151 10.94 -12.58 1.89
CA VAL A 151 9.55 -12.83 2.24
C VAL A 151 8.66 -12.15 1.21
N PHE A 152 7.87 -12.93 0.49
CA PHE A 152 6.98 -12.40 -0.54
C PHE A 152 5.55 -12.46 -0.02
N LEU A 153 4.84 -11.34 -0.12
CA LEU A 153 3.50 -11.21 0.42
C LEU A 153 2.46 -11.49 -0.66
N PHE A 154 1.60 -12.46 -0.42
CA PHE A 154 0.40 -12.71 -1.23
C PHE A 154 -0.74 -11.88 -0.64
N ASP A 155 -1.18 -10.86 -1.37
CA ASP A 155 -2.30 -10.06 -0.91
C ASP A 155 -3.56 -10.91 -0.84
N SER A 156 -4.14 -11.02 0.36
CA SER A 156 -5.31 -11.87 0.54
C SER A 156 -6.49 -11.40 -0.31
N TYR A 157 -6.64 -10.08 -0.48
CA TYR A 157 -7.73 -9.56 -1.30
C TYR A 157 -7.59 -10.04 -2.74
N LEU A 158 -6.38 -10.03 -3.29
CA LEU A 158 -6.17 -10.55 -4.63
C LEU A 158 -6.31 -12.06 -4.67
N SER A 159 -6.02 -12.74 -3.55
CA SER A 159 -6.04 -14.19 -3.52
C SER A 159 -7.46 -14.76 -3.41
N LYS A 160 -8.47 -13.91 -3.20
CA LYS A 160 -9.85 -14.39 -3.13
C LYS A 160 -10.29 -14.99 -4.46
N ASP A 161 -9.74 -14.50 -5.57
CA ASP A 161 -10.03 -14.96 -6.92
C ASP A 161 -9.01 -16.04 -7.32
N PRO A 162 -9.47 -17.22 -7.73
CA PRO A 162 -8.53 -18.32 -8.00
C PRO A 162 -7.51 -18.01 -9.10
N LYS A 163 -7.92 -17.27 -10.14
CA LYS A 163 -6.97 -16.92 -11.19
C LYS A 163 -5.96 -15.89 -10.72
N SER A 164 -6.41 -14.90 -9.95
CA SER A 164 -5.48 -13.92 -9.39
C SER A 164 -4.57 -14.55 -8.35
N PHE A 165 -5.07 -15.53 -7.60
CA PHE A 165 -4.22 -16.26 -6.66
C PHE A 165 -3.07 -16.94 -7.39
N LEU A 166 -3.38 -17.63 -8.50
CA LEU A 166 -2.33 -18.31 -9.26
C LEU A 166 -1.35 -17.33 -9.89
N SER A 167 -1.84 -16.17 -10.31
CA SER A 167 -0.94 -15.15 -10.86
C SER A 167 0.08 -14.71 -9.82
N LEU A 168 -0.31 -14.69 -8.55
CA LEU A 168 0.64 -14.34 -7.49
C LEU A 168 1.70 -15.43 -7.31
N PHE A 169 1.31 -16.70 -7.50
CA PHE A 169 2.29 -17.79 -7.42
C PHE A 169 3.32 -17.67 -8.55
N LEU A 170 2.87 -17.36 -9.76
CA LEU A 170 3.81 -17.17 -10.87
C LEU A 170 4.66 -15.92 -10.66
N LEU A 171 4.07 -14.87 -10.08
CA LEU A 171 4.84 -13.66 -9.82
C LEU A 171 5.91 -13.91 -8.76
N SER A 172 5.53 -14.55 -7.65
CA SER A 172 6.50 -14.84 -6.60
C SER A 172 7.63 -15.74 -7.11
N SER A 173 7.31 -16.65 -8.03
CA SER A 173 8.35 -17.49 -8.62
C SER A 173 9.25 -16.66 -9.54
N SER A 174 8.67 -15.69 -10.25
CA SER A 174 9.47 -14.82 -11.10
C SER A 174 10.44 -13.98 -10.29
N ILE A 175 9.96 -13.41 -9.18
CA ILE A 175 10.83 -12.59 -8.34
C ILE A 175 11.99 -13.41 -7.81
N LYS A 176 11.75 -14.68 -7.47
CA LYS A 176 12.80 -15.53 -6.95
C LYS A 176 13.92 -15.72 -7.96
N PHE A 177 13.58 -15.78 -9.26
CA PHE A 177 14.60 -15.87 -10.30
C PHE A 177 15.37 -14.56 -10.47
N ARG A 178 14.80 -13.44 -10.06
CA ARG A 178 15.51 -12.16 -10.12
C ARG A 178 16.34 -11.92 -8.87
N ILE A 179 15.74 -12.06 -7.69
CA ILE A 179 16.44 -11.90 -6.43
C ILE A 179 16.89 -13.30 -6.00
N ASP A 180 18.16 -13.62 -6.25
CA ASP A 180 18.69 -14.96 -5.99
C ASP A 180 18.98 -15.11 -4.50
N MET A 181 17.92 -15.40 -3.76
CA MET A 181 18.01 -15.74 -2.34
C MET A 181 16.74 -16.48 -1.96
N PRO A 182 16.77 -17.30 -0.90
CA PRO A 182 15.58 -18.05 -0.52
C PRO A 182 14.39 -17.13 -0.26
N GLN A 183 13.20 -17.62 -0.60
CA GLN A 183 11.98 -16.82 -0.52
C GLN A 183 10.93 -17.58 0.26
N ILE A 184 10.37 -16.94 1.28
CA ILE A 184 9.25 -17.48 2.04
C ILE A 184 7.98 -16.79 1.58
N SER A 185 6.94 -17.59 1.31
CA SER A 185 5.67 -17.06 0.85
C SER A 185 4.74 -16.82 2.05
N VAL A 186 4.11 -15.65 2.07
CA VAL A 186 3.23 -15.26 3.16
C VAL A 186 1.91 -14.78 2.56
N LEU A 187 0.79 -15.24 3.13
CA LEU A 187 -0.52 -14.75 2.76
C LEU A 187 -0.86 -13.61 3.72
N SER A 188 -0.65 -12.37 3.26
CA SER A 188 -0.77 -11.20 4.11
C SER A 188 -2.22 -10.69 4.11
N LYS A 189 -2.51 -9.84 5.11
CA LYS A 189 -3.84 -9.24 5.25
C LYS A 189 -4.92 -10.32 5.36
N VAL A 190 -4.60 -11.40 6.09
CA VAL A 190 -5.50 -12.54 6.17
C VAL A 190 -6.73 -12.28 7.02
N ASP A 191 -6.76 -11.15 7.75
CA ASP A 191 -7.97 -10.79 8.48
C ASP A 191 -9.10 -10.37 7.55
N LEU A 192 -8.79 -10.07 6.28
CA LEU A 192 -9.82 -9.78 5.28
C LEU A 192 -10.53 -11.02 4.80
N LEU A 193 -10.13 -12.20 5.26
CA LEU A 193 -10.71 -13.47 4.85
C LEU A 193 -11.50 -14.08 5.99
N SER A 194 -12.61 -14.74 5.66
CA SER A 194 -13.28 -15.56 6.63
C SER A 194 -12.54 -16.88 6.80
N SER A 195 -12.85 -17.60 7.88
CA SER A 195 -12.29 -18.93 8.07
C SER A 195 -12.62 -19.85 6.90
N SER A 196 -13.82 -19.70 6.34
CA SER A 196 -14.21 -20.53 5.21
C SER A 196 -13.40 -20.18 3.97
N GLU A 197 -13.20 -18.89 3.70
CA GLU A 197 -12.42 -18.48 2.55
C GLU A 197 -10.98 -18.97 2.64
N LEU A 198 -10.39 -18.87 3.84
CA LEU A 198 -9.01 -19.34 4.00
C LEU A 198 -8.90 -20.84 3.81
N GLU A 199 -9.88 -21.60 4.30
CA GLU A 199 -9.85 -23.04 4.13
C GLU A 199 -10.03 -23.43 2.66
N ARG A 200 -10.88 -22.71 1.93
CA ARG A 200 -11.05 -23.01 0.52
C ARG A 200 -9.79 -22.71 -0.27
N MET A 201 -9.11 -21.60 0.04
CA MET A 201 -7.87 -21.27 -0.64
C MET A 201 -6.79 -22.29 -0.33
N ARG A 202 -6.77 -22.83 0.89
N ARG A 202 -6.77 -22.82 0.90
CA ARG A 202 -5.79 -23.86 1.23
CA ARG A 202 -5.81 -23.86 1.25
C ARG A 202 -6.06 -25.14 0.47
C ARG A 202 -6.07 -25.13 0.45
N SER A 203 -7.33 -25.57 0.42
CA SER A 203 -7.67 -26.79 -0.32
C SER A 203 -7.52 -26.59 -1.83
N TRP A 204 -7.75 -25.36 -2.32
CA TRP A 204 -7.52 -25.07 -3.73
C TRP A 204 -6.13 -25.52 -4.17
N ILE A 205 -5.12 -25.22 -3.37
CA ILE A 205 -3.74 -25.51 -3.74
C ILE A 205 -3.27 -26.85 -3.17
N GLU A 206 -3.57 -27.11 -1.89
CA GLU A 206 -3.07 -28.33 -1.26
C GLU A 206 -3.75 -29.58 -1.80
N ASP A 207 -4.98 -29.46 -2.32
CA ASP A 207 -5.70 -30.59 -2.87
C ASP A 207 -5.86 -30.53 -4.38
N GLY A 208 -5.55 -29.40 -5.01
CA GLY A 208 -5.67 -29.29 -6.45
C GLY A 208 -7.06 -28.97 -6.96
N SER A 209 -8.01 -28.68 -6.07
CA SER A 209 -9.36 -28.35 -6.50
C SER A 209 -9.43 -27.05 -7.29
N ILE A 210 -8.36 -26.26 -7.29
CA ILE A 210 -8.31 -25.04 -8.09
C ILE A 210 -8.39 -25.35 -9.59
N ILE A 211 -8.02 -26.57 -9.98
CA ILE A 211 -8.13 -26.98 -11.38
C ILE A 211 -9.57 -26.83 -11.86
N ASP A 212 -10.53 -27.26 -11.04
CA ASP A 212 -11.93 -27.22 -11.43
C ASP A 212 -12.45 -25.78 -11.51
N GLU A 213 -11.86 -24.86 -10.75
CA GLU A 213 -12.33 -23.48 -10.68
C GLU A 213 -11.53 -22.55 -11.59
N LEU A 214 -11.03 -23.06 -12.71
CA LEU A 214 -10.20 -22.27 -13.61
C LEU A 214 -10.88 -21.98 -14.95
N GLY A 215 -12.08 -22.51 -15.18
CA GLY A 215 -12.69 -22.33 -16.48
C GLY A 215 -11.83 -23.00 -17.55
N SER A 216 -12.01 -22.54 -18.79
CA SER A 216 -11.21 -23.01 -19.90
C SER A 216 -10.00 -22.11 -20.06
N ILE A 217 -8.81 -22.71 -20.09
CA ILE A 217 -7.55 -21.99 -20.21
C ILE A 217 -6.68 -22.70 -21.23
N ASP A 218 -5.71 -21.97 -21.76
CA ASP A 218 -4.78 -22.56 -22.72
C ASP A 218 -3.95 -23.66 -22.06
N GLU A 219 -3.47 -24.58 -22.90
CA GLU A 219 -2.71 -25.73 -22.41
C GLU A 219 -1.46 -25.29 -21.68
N TYR A 220 -0.79 -24.24 -22.18
CA TYR A 220 0.42 -23.75 -21.53
C TYR A 220 0.15 -23.33 -20.09
N SER A 221 -0.85 -22.45 -19.90
CA SER A 221 -1.18 -22.01 -18.55
C SER A 221 -1.65 -23.16 -17.68
N PHE A 222 -2.38 -24.12 -18.26
CA PHE A 222 -2.87 -25.24 -17.47
C PHE A 222 -1.72 -26.12 -16.97
N GLU A 223 -0.72 -26.35 -17.81
CA GLU A 223 0.43 -27.14 -17.38
C GLU A 223 1.23 -26.41 -16.30
N LEU A 224 1.25 -25.08 -16.34
CA LEU A 224 1.90 -24.31 -15.28
C LEU A 224 1.16 -24.48 -13.96
N VAL A 225 -0.18 -24.42 -14.00
CA VAL A 225 -0.97 -24.62 -12.78
C VAL A 225 -0.72 -26.00 -12.21
N LYS A 226 -0.72 -27.03 -13.06
CA LYS A 226 -0.43 -28.38 -12.62
C LYS A 226 0.93 -28.45 -11.92
N THR A 227 1.96 -27.85 -12.52
CA THR A 227 3.29 -27.89 -11.94
C THR A 227 3.30 -27.23 -10.56
N ILE A 228 2.56 -26.13 -10.39
CA ILE A 228 2.51 -25.46 -9.10
C ILE A 228 1.85 -26.35 -8.06
N VAL A 229 0.67 -26.87 -8.37
CA VAL A 229 -0.10 -27.63 -7.39
C VAL A 229 0.63 -28.92 -7.00
N GLU A 230 1.23 -29.60 -7.97
CA GLU A 230 1.82 -30.91 -7.70
C GLU A 230 3.23 -30.82 -7.13
N ASN A 231 3.90 -29.67 -7.25
CA ASN A 231 5.26 -29.52 -6.75
C ASN A 231 5.40 -28.50 -5.62
N LEU A 232 4.36 -27.77 -5.26
CA LEU A 232 4.47 -26.81 -4.17
C LEU A 232 4.74 -27.54 -2.87
N GLU A 233 5.65 -26.99 -2.06
CA GLU A 233 6.07 -27.65 -0.83
C GLU A 233 5.13 -27.33 0.33
N SER A 234 4.64 -26.10 0.41
CA SER A 234 3.78 -25.69 1.51
C SER A 234 2.89 -24.54 1.06
N PHE A 235 1.72 -24.43 1.69
CA PHE A 235 0.87 -23.28 1.48
C PHE A 235 1.52 -22.03 2.08
N PRO A 236 1.29 -20.86 1.48
CA PRO A 236 1.82 -19.62 2.07
C PRO A 236 1.34 -19.43 3.51
N ILE A 237 2.24 -18.97 4.36
CA ILE A 237 1.95 -18.78 5.78
C ILE A 237 0.92 -17.67 5.96
N PRO A 238 -0.27 -17.97 6.47
CA PRO A 238 -1.27 -16.92 6.69
C PRO A 238 -0.86 -16.01 7.84
N VAL A 239 -0.63 -14.73 7.53
CA VAL A 239 -0.22 -13.74 8.51
C VAL A 239 -1.17 -12.55 8.42
N SER A 240 -1.45 -11.94 9.57
CA SER A 240 -2.23 -10.71 9.65
C SER A 240 -1.51 -9.75 10.59
N SER A 241 -0.94 -8.68 10.04
CA SER A 241 -0.21 -7.73 10.88
C SER A 241 -1.15 -7.00 11.85
N THR A 242 -2.38 -6.73 11.41
CA THR A 242 -3.32 -6.01 12.27
C THR A 242 -3.84 -6.90 13.39
N ASN A 243 -4.04 -8.19 13.11
CA ASN A 243 -4.39 -9.13 14.17
C ASN A 243 -3.17 -9.68 14.89
N PHE A 244 -1.96 -9.43 14.38
CA PHE A 244 -0.72 -9.91 14.99
C PHE A 244 -0.71 -11.43 15.10
N SER A 245 -1.16 -12.10 14.04
CA SER A 245 -1.26 -13.54 13.99
C SER A 245 -0.35 -14.12 12.93
N GLY A 246 0.13 -15.34 13.16
CA GLY A 246 0.97 -16.03 12.20
C GLY A 246 2.43 -15.68 12.26
N LEU A 247 2.84 -14.76 13.14
CA LEU A 247 4.24 -14.35 13.18
C LEU A 247 5.13 -15.43 13.79
N ASP A 248 4.59 -16.23 14.71
CA ASP A 248 5.34 -17.38 15.20
C ASP A 248 5.69 -18.34 14.07
N GLN A 249 4.74 -18.59 13.17
CA GLN A 249 4.99 -19.47 12.03
C GLN A 249 6.01 -18.87 11.07
N LEU A 250 5.91 -17.57 10.81
CA LEU A 250 6.85 -16.92 9.89
C LEU A 250 8.27 -16.96 10.43
N TYR A 251 8.46 -16.57 11.70
CA TYR A 251 9.80 -16.56 12.27
C TYR A 251 10.39 -17.97 12.32
N ALA A 252 9.57 -18.96 12.70
CA ALA A 252 10.05 -20.34 12.73
C ALA A 252 10.50 -20.78 11.34
N GLU A 253 9.75 -20.39 10.31
CA GLU A 253 10.14 -20.73 8.95
C GLU A 253 11.38 -19.95 8.53
N VAL A 254 11.51 -18.69 8.99
CA VAL A 254 12.71 -17.91 8.72
C VAL A 254 13.93 -18.60 9.32
N GLN A 255 13.83 -19.04 10.58
CA GLN A 255 14.95 -19.72 11.23
C GLN A 255 15.32 -21.00 10.49
N LYS A 256 14.31 -21.80 10.13
CA LYS A 256 14.57 -23.06 9.45
C LYS A 256 15.32 -22.84 8.13
N VAL A 257 14.96 -21.78 7.40
CA VAL A 257 15.66 -21.47 6.16
C VAL A 257 17.08 -20.99 6.45
N LEU A 258 17.23 -20.10 7.43
CA LEU A 258 18.54 -19.55 7.77
C LEU A 258 19.51 -20.58 8.33
N ALA A 259 19.06 -21.81 8.60
CA ALA A 259 19.94 -22.84 9.12
C ALA A 259 20.46 -23.73 7.99
N SER B 20 -10.34 30.43 11.02
CA SER B 20 -9.70 29.22 11.55
C SER B 20 -10.60 28.50 12.55
N TYR B 21 -10.66 27.18 12.44
CA TYR B 21 -11.47 26.35 13.32
C TYR B 21 -10.59 25.30 13.97
N PHE B 22 -10.75 25.14 15.29
CA PHE B 22 -9.95 24.20 16.07
C PHE B 22 -10.83 23.04 16.52
N ILE B 23 -10.37 21.83 16.24
CA ILE B 23 -11.07 20.61 16.63
C ILE B 23 -10.16 19.85 17.60
N PHE B 24 -10.57 19.75 18.85
CA PHE B 24 -9.79 19.09 19.89
C PHE B 24 -10.33 17.66 20.06
N VAL B 25 -9.43 16.69 19.90
CA VAL B 25 -9.79 15.27 19.99
C VAL B 25 -9.37 14.77 21.37
N LEU B 26 -10.35 14.37 22.18
CA LEU B 26 -10.11 13.89 23.53
C LEU B 26 -10.59 12.46 23.69
N GLY B 27 -10.15 11.83 24.75
CA GLY B 27 -10.54 10.46 25.04
C GLY B 27 -9.50 9.76 25.88
N THR B 28 -9.88 8.61 26.43
CA THR B 28 -8.98 7.80 27.23
C THR B 28 -7.80 7.32 26.38
N ALA B 29 -6.76 6.86 27.07
CA ALA B 29 -5.58 6.36 26.40
C ALA B 29 -5.92 5.16 25.52
N GLY B 30 -5.43 5.18 24.29
CA GLY B 30 -5.67 4.10 23.35
C GLY B 30 -7.06 4.03 22.78
N SER B 31 -7.90 5.03 23.03
CA SER B 31 -9.26 5.01 22.51
C SER B 31 -9.33 5.39 21.03
N GLY B 32 -8.25 5.83 20.44
CA GLY B 32 -8.20 6.13 19.03
C GLY B 32 -8.06 7.61 18.65
N LYS B 33 -7.58 8.45 19.57
CA LYS B 33 -7.47 9.88 19.28
C LYS B 33 -6.57 10.13 18.09
N THR B 34 -5.34 9.60 18.13
CA THR B 34 -4.37 9.88 17.09
C THR B 34 -4.82 9.31 15.73
N THR B 35 -5.39 8.11 15.74
CA THR B 35 -5.84 7.52 14.49
C THR B 35 -7.00 8.30 13.88
N LEU B 36 -7.90 8.82 14.72
CA LEU B 36 -9.01 9.62 14.22
C LEU B 36 -8.50 10.93 13.61
N VAL B 37 -7.45 11.50 14.19
CA VAL B 37 -6.88 12.73 13.65
C VAL B 37 -6.37 12.50 12.23
N LYS B 38 -5.72 11.36 11.99
CA LYS B 38 -5.27 11.05 10.63
C LYS B 38 -6.47 10.81 9.71
N ALA B 39 -7.48 10.09 10.18
CA ALA B 39 -8.64 9.82 9.34
C ALA B 39 -9.45 11.07 9.08
N LEU B 40 -9.59 11.94 10.09
CA LEU B 40 -10.34 13.18 9.89
C LEU B 40 -9.61 14.12 8.94
N GLN B 41 -8.28 14.22 9.07
CA GLN B 41 -7.52 15.01 8.11
C GLN B 41 -7.69 14.48 6.70
N ASP B 42 -7.65 13.15 6.55
CA ASP B 42 -7.83 12.55 5.23
C ASP B 42 -9.22 12.85 4.69
N TYR B 43 -10.25 12.79 5.55
CA TYR B 43 -11.60 13.10 5.11
C TYR B 43 -11.71 14.56 4.64
N LEU B 44 -11.13 15.48 5.42
CA LEU B 44 -11.24 16.90 5.08
C LEU B 44 -10.43 17.22 3.83
N LEU B 45 -9.24 16.64 3.72
CA LEU B 45 -8.46 16.81 2.50
C LEU B 45 -9.17 16.15 1.32
N ASN B 46 -9.90 15.07 1.57
CA ASN B 46 -10.69 14.46 0.51
C ASN B 46 -11.71 15.45 -0.03
N ASN B 47 -12.28 16.29 0.85
CA ASN B 47 -13.28 17.29 0.48
C ASN B 47 -12.68 18.66 0.21
N GLU B 48 -11.37 18.74 -0.01
CA GLU B 48 -10.71 19.97 -0.44
C GLU B 48 -10.83 21.07 0.61
N LEU B 49 -10.44 20.74 1.83
CA LEU B 49 -10.38 21.69 2.94
C LEU B 49 -8.99 21.65 3.54
N ASP B 50 -8.32 22.80 3.55
CA ASP B 50 -6.94 22.87 4.04
C ASP B 50 -6.94 22.76 5.56
N THR B 51 -6.40 21.67 6.09
CA THR B 51 -6.36 21.41 7.51
C THR B 51 -4.92 21.22 7.98
N ALA B 52 -4.58 21.87 9.09
CA ALA B 52 -3.33 21.64 9.79
C ALA B 52 -3.58 20.78 11.02
N ILE B 53 -2.50 20.21 11.56
CA ILE B 53 -2.57 19.36 12.73
C ILE B 53 -1.57 19.84 13.77
N ILE B 54 -2.04 20.01 15.00
CA ILE B 54 -1.17 20.24 16.15
C ILE B 54 -1.13 18.96 16.97
N ASN B 55 0.07 18.45 17.22
CA ASN B 55 0.28 17.34 18.13
C ASN B 55 0.71 17.90 19.48
N LEU B 56 -0.13 17.70 20.51
CA LEU B 56 0.18 18.15 21.86
C LEU B 56 0.64 17.01 22.76
N ASP B 57 0.87 15.82 22.20
CA ASP B 57 1.38 14.70 22.97
C ASP B 57 2.90 14.71 22.87
N PRO B 58 3.62 15.07 23.95
CA PRO B 58 5.08 15.11 23.88
C PRO B 58 5.75 13.76 24.03
N ALA B 59 4.99 12.67 24.14
CA ALA B 59 5.55 11.35 24.40
C ALA B 59 5.18 10.31 23.35
N VAL B 60 4.57 10.72 22.24
CA VAL B 60 4.17 9.77 21.20
C VAL B 60 5.41 9.41 20.39
N GLU B 61 5.59 8.12 20.14
CA GLU B 61 6.79 7.65 19.44
C GLU B 61 6.69 7.88 17.94
N VAL B 62 5.71 7.26 17.30
CA VAL B 62 5.52 7.32 15.86
C VAL B 62 4.13 7.88 15.59
N LEU B 63 4.04 8.84 14.67
CA LEU B 63 2.80 9.44 14.25
C LEU B 63 2.36 8.93 12.88
N PRO B 64 1.08 8.66 12.69
CA PRO B 64 0.57 8.23 11.38
C PRO B 64 0.29 9.37 10.41
N TYR B 65 0.44 10.63 10.86
CA TYR B 65 0.26 11.80 10.03
C TYR B 65 1.51 12.67 10.12
N LYS B 66 1.56 13.75 9.35
CA LYS B 66 2.65 14.71 9.47
C LYS B 66 2.13 15.96 10.16
N PRO B 67 2.51 16.21 11.41
CA PRO B 67 1.99 17.38 12.13
C PRO B 67 2.67 18.66 11.65
N ASP B 68 1.86 19.71 11.48
CA ASP B 68 2.41 21.02 11.16
C ASP B 68 3.08 21.64 12.38
N ILE B 69 2.60 21.34 13.58
CA ILE B 69 3.24 21.74 14.82
C ILE B 69 3.32 20.51 15.72
N ASP B 70 4.54 20.19 16.17
CA ASP B 70 4.79 19.01 16.98
C ASP B 70 5.33 19.46 18.33
N ALA B 71 4.62 19.10 19.41
CA ALA B 71 5.05 19.48 20.75
C ALA B 71 6.40 18.85 21.11
N ARG B 72 6.72 17.69 20.53
CA ARG B 72 7.97 17.03 20.85
C ARG B 72 9.18 17.84 20.39
N GLU B 73 9.00 18.78 19.46
CA GLU B 73 10.05 19.71 19.11
C GLU B 73 10.15 20.88 20.08
N TYR B 74 9.24 20.98 21.04
CA TYR B 74 9.27 22.01 22.06
C TYR B 74 9.66 21.47 23.43
N VAL B 75 9.26 20.23 23.74
CA VAL B 75 9.53 19.58 25.01
C VAL B 75 9.99 18.17 24.71
N ASP B 76 11.21 17.84 25.12
CA ASP B 76 11.79 16.52 24.90
C ASP B 76 11.55 15.68 26.14
N VAL B 77 10.65 14.70 26.05
CA VAL B 77 10.30 13.88 27.22
C VAL B 77 11.50 13.07 27.69
N TYR B 78 12.40 12.70 26.77
CA TYR B 78 13.61 11.99 27.19
C TYR B 78 14.58 12.93 27.87
N ASP B 79 14.66 14.19 27.43
CA ASP B 79 15.44 15.18 28.16
C ASP B 79 14.92 15.33 29.58
N VAL B 80 13.60 15.35 29.75
CA VAL B 80 13.01 15.50 31.08
C VAL B 80 13.38 14.33 31.98
N MET B 81 13.51 13.13 31.40
CA MET B 81 13.78 11.94 32.20
C MET B 81 15.15 12.01 32.87
N ASN B 82 16.19 12.32 32.11
CA ASN B 82 17.55 12.25 32.63
C ASN B 82 18.06 13.57 33.20
N LYS B 83 17.57 14.71 32.71
CA LYS B 83 17.93 15.99 33.32
C LYS B 83 17.50 16.03 34.79
N TYR B 84 16.30 15.54 35.09
CA TYR B 84 15.76 15.59 36.43
C TYR B 84 15.90 14.26 37.18
N GLU B 85 16.30 13.19 36.49
CA GLU B 85 16.48 11.87 37.09
C GLU B 85 15.18 11.33 37.67
N LEU B 86 14.09 11.46 36.92
CA LEU B 86 12.78 10.96 37.32
C LEU B 86 12.34 9.88 36.34
N GLY B 87 11.30 9.15 36.75
CA GLY B 87 10.78 8.05 35.97
C GLY B 87 9.82 8.51 34.89
N PRO B 88 9.29 7.53 34.16
CA PRO B 88 8.35 7.86 33.06
C PRO B 88 7.11 8.60 33.51
N ASN B 89 6.51 8.18 34.63
CA ASN B 89 5.30 8.84 35.12
C ASN B 89 5.56 10.30 35.44
N SER B 90 6.57 10.56 36.29
CA SER B 90 6.89 11.93 36.66
C SER B 90 7.29 12.76 35.44
N SER B 91 8.13 12.21 34.56
CA SER B 91 8.57 12.96 33.38
C SER B 91 7.42 13.29 32.45
N LEU B 92 6.50 12.34 32.26
CA LEU B 92 5.34 12.59 31.43
C LEU B 92 4.51 13.75 31.97
N VAL B 93 4.22 13.72 33.28
CA VAL B 93 3.45 14.79 33.91
C VAL B 93 4.19 16.12 33.77
N ILE B 94 5.51 16.12 34.01
CA ILE B 94 6.29 17.35 33.90
C ILE B 94 6.31 17.85 32.46
N SER B 95 6.39 16.93 31.49
CA SER B 95 6.46 17.33 30.09
C SER B 95 5.18 18.04 29.65
N VAL B 96 4.02 17.54 30.10
CA VAL B 96 2.77 18.22 29.80
C VAL B 96 2.75 19.61 30.43
N ASP B 97 3.27 19.73 31.65
CA ASP B 97 3.29 21.01 32.34
C ASP B 97 4.22 22.00 31.64
N LEU B 98 5.32 21.53 31.06
CA LEU B 98 6.27 22.41 30.39
C LEU B 98 5.69 23.02 29.12
N LEU B 99 4.62 22.44 28.58
CA LEU B 99 4.01 22.99 27.37
C LEU B 99 3.50 24.41 27.59
N LEU B 100 3.14 24.77 28.83
CA LEU B 100 2.74 26.15 29.11
C LEU B 100 3.92 27.11 29.00
N THR B 101 5.11 26.66 29.38
CA THR B 101 6.30 27.50 29.23
C THR B 101 6.64 27.72 27.77
N LYS B 102 6.25 26.80 26.89
CA LYS B 102 6.47 26.91 25.45
C LYS B 102 5.25 27.47 24.72
N ALA B 103 4.28 28.03 25.45
CA ALA B 103 3.07 28.53 24.80
C ALA B 103 3.36 29.74 23.93
N LYS B 104 4.26 30.62 24.38
CA LYS B 104 4.63 31.79 23.59
C LYS B 104 5.05 31.41 22.18
N GLU B 105 6.04 30.52 22.07
CA GLU B 105 6.48 30.05 20.76
C GLU B 105 5.36 29.31 20.03
N LEU B 106 4.50 28.60 20.76
CA LEU B 106 3.45 27.80 20.13
C LEU B 106 2.49 28.67 19.31
N LYS B 107 1.91 29.70 19.94
CA LYS B 107 0.98 30.55 19.22
C LYS B 107 1.65 31.29 18.08
N GLU B 108 2.93 31.63 18.23
CA GLU B 108 3.66 32.24 17.13
C GLU B 108 3.72 31.30 15.93
N ASP B 109 3.96 30.01 16.18
CA ASP B 109 3.99 29.04 15.09
C ASP B 109 2.60 28.72 14.58
N LEU B 110 1.56 28.98 15.37
CA LEU B 110 0.19 28.74 14.91
C LEU B 110 -0.26 29.79 13.91
N ASN B 111 -0.05 31.07 14.22
CA ASN B 111 -0.49 32.14 13.33
C ASN B 111 0.15 32.03 11.96
N GLN B 112 1.35 31.43 11.87
CA GLN B 112 2.03 31.23 10.60
C GLN B 112 1.34 30.20 9.71
N LEU B 113 0.43 29.42 10.25
CA LEU B 113 -0.33 28.44 9.48
C LEU B 113 -1.58 29.08 8.88
N GLN B 114 -1.87 28.72 7.64
CA GLN B 114 -3.05 29.17 6.92
C GLN B 114 -3.92 27.95 6.60
N ALA B 115 -4.82 27.61 7.52
CA ALA B 115 -5.74 26.51 7.34
C ALA B 115 -7.10 26.90 7.90
N ASN B 116 -8.16 26.38 7.27
CA ASN B 116 -9.50 26.62 7.78
C ASN B 116 -9.82 25.75 8.98
N TYR B 117 -9.19 24.58 9.08
CA TYR B 117 -9.40 23.65 10.17
C TYR B 117 -8.07 23.28 10.80
N VAL B 118 -8.04 23.22 12.12
CA VAL B 118 -6.85 22.82 12.86
C VAL B 118 -7.24 21.65 13.75
N LEU B 119 -6.71 20.48 13.47
CA LEU B 119 -6.93 19.30 14.29
C LEU B 119 -5.91 19.28 15.41
N VAL B 120 -6.39 19.09 16.64
CA VAL B 120 -5.52 19.13 17.83
C VAL B 120 -5.53 17.73 18.44
N ASP B 121 -4.39 17.05 18.35
CA ASP B 121 -4.20 15.77 19.02
C ASP B 121 -3.65 16.03 20.42
N THR B 122 -4.28 15.44 21.42
CA THR B 122 -3.97 15.68 22.82
C THR B 122 -3.12 14.55 23.39
N PRO B 123 -2.50 14.77 24.57
CA PRO B 123 -1.73 13.69 25.21
C PRO B 123 -2.51 12.39 25.37
N GLY B 124 -1.77 11.28 25.51
CA GLY B 124 -2.42 9.97 25.55
C GLY B 124 -3.45 9.85 26.64
N GLN B 125 -3.08 10.20 27.88
CA GLN B 125 -4.00 10.17 29.00
C GLN B 125 -4.75 11.50 29.07
N ILE B 126 -6.08 11.45 28.87
CA ILE B 126 -6.89 12.65 28.95
C ILE B 126 -6.77 13.28 30.33
N GLU B 127 -6.47 12.48 31.35
CA GLU B 127 -6.31 12.99 32.71
C GLU B 127 -5.15 13.98 32.80
N LEU B 128 -4.02 13.63 32.18
CA LEU B 128 -2.86 14.53 32.18
C LEU B 128 -3.16 15.86 31.49
N PHE B 129 -4.14 15.88 30.58
CA PHE B 129 -4.53 17.08 29.88
C PHE B 129 -5.68 17.80 30.56
N ALA B 130 -6.78 17.09 30.84
CA ALA B 130 -7.99 17.74 31.31
C ALA B 130 -7.85 18.20 32.76
N TYR B 131 -7.36 17.33 33.64
CA TYR B 131 -7.34 17.62 35.07
C TYR B 131 -6.06 18.29 35.54
N ARG B 132 -5.22 18.72 34.62
CA ARG B 132 -4.10 19.61 34.92
C ARG B 132 -4.36 20.94 34.23
N ASP B 133 -3.90 22.02 34.87
CA ASP B 133 -4.18 23.36 34.36
C ASP B 133 -3.61 23.60 32.97
N THR B 134 -2.65 22.76 32.53
CA THR B 134 -2.09 22.93 31.20
C THR B 134 -3.16 22.78 30.13
N GLY B 135 -4.07 21.84 30.29
CA GLY B 135 -5.13 21.61 29.32
C GLY B 135 -6.00 22.81 29.02
N LYS B 136 -6.64 23.37 30.04
CA LYS B 136 -7.52 24.52 29.84
C LYS B 136 -6.76 25.73 29.32
N ILE B 137 -5.57 25.98 29.86
CA ILE B 137 -4.81 27.17 29.47
C ILE B 137 -4.33 27.03 28.03
N LEU B 138 -3.73 25.90 27.68
CA LEU B 138 -3.27 25.68 26.31
C LEU B 138 -4.43 25.76 25.32
N SER B 139 -5.53 25.07 25.62
CA SER B 139 -6.66 25.03 24.71
C SER B 139 -7.23 26.43 24.48
N SER B 140 -7.37 27.23 25.55
CA SER B 140 -7.85 28.59 25.39
C SER B 140 -6.81 29.48 24.72
N PHE B 141 -5.53 29.19 24.92
CA PHE B 141 -4.46 30.02 24.39
C PHE B 141 -4.27 29.81 22.89
N ILE B 142 -4.23 28.56 22.45
CA ILE B 142 -3.97 28.28 21.04
C ILE B 142 -5.22 28.50 20.19
N SER B 143 -6.41 28.40 20.79
CA SER B 143 -7.66 28.65 20.09
C SER B 143 -8.15 30.07 20.27
N GLU B 144 -7.26 30.96 20.72
CA GLU B 144 -7.61 32.36 20.92
C GLU B 144 -7.96 33.03 19.60
N GLY B 145 -9.12 33.67 19.55
CA GLY B 145 -9.57 34.31 18.34
C GLY B 145 -10.20 33.40 17.31
N SER B 146 -10.46 32.14 17.65
CA SER B 146 -11.06 31.18 16.73
C SER B 146 -12.20 30.46 17.40
N LYS B 147 -13.00 29.78 16.58
CA LYS B 147 -14.08 28.93 17.09
C LYS B 147 -13.52 27.55 17.40
N SER B 148 -13.99 26.96 18.50
CA SER B 148 -13.48 25.68 18.95
C SER B 148 -14.60 24.70 19.23
N VAL B 149 -14.32 23.43 18.96
CA VAL B 149 -15.21 22.33 19.31
C VAL B 149 -14.35 21.17 19.79
N SER B 150 -14.85 20.44 20.78
CA SER B 150 -14.17 19.27 21.32
C SER B 150 -14.86 18.00 20.85
N VAL B 151 -14.07 16.95 20.66
CA VAL B 151 -14.58 15.64 20.27
C VAL B 151 -14.07 14.63 21.29
N PHE B 152 -15.00 13.97 22.00
CA PHE B 152 -14.66 13.00 23.01
C PHE B 152 -14.96 11.60 22.48
N LEU B 153 -14.00 10.69 22.60
CA LEU B 153 -14.10 9.35 22.04
C LEU B 153 -14.58 8.37 23.10
N PHE B 154 -15.69 7.69 22.82
CA PHE B 154 -16.15 6.55 23.61
C PHE B 154 -15.53 5.30 23.00
N ASP B 155 -14.61 4.67 23.74
CA ASP B 155 -13.99 3.43 23.27
C ASP B 155 -15.03 2.33 23.18
N SER B 156 -15.18 1.76 21.98
CA SER B 156 -16.19 0.73 21.76
C SER B 156 -15.95 -0.49 22.64
N TYR B 157 -14.68 -0.85 22.87
CA TYR B 157 -14.39 -1.98 23.74
C TYR B 157 -14.89 -1.74 25.16
N LEU B 158 -14.68 -0.52 25.68
CA LEU B 158 -15.17 -0.20 27.01
C LEU B 158 -16.69 -0.08 27.02
N SER B 159 -17.29 0.31 25.91
CA SER B 159 -18.73 0.54 25.87
C SER B 159 -19.55 -0.74 25.76
N LYS B 160 -18.90 -1.90 25.55
CA LYS B 160 -19.65 -3.16 25.47
C LYS B 160 -20.33 -3.50 26.79
N ASP B 161 -19.75 -3.08 27.91
CA ASP B 161 -20.33 -3.32 29.22
C ASP B 161 -21.18 -2.13 29.63
N PRO B 162 -22.45 -2.34 30.02
CA PRO B 162 -23.33 -1.19 30.30
C PRO B 162 -22.82 -0.28 31.40
N LYS B 163 -22.18 -0.82 32.44
CA LYS B 163 -21.65 0.05 33.50
C LYS B 163 -20.45 0.85 33.01
N SER B 164 -19.57 0.21 32.25
CA SER B 164 -18.43 0.95 31.69
C SER B 164 -18.90 1.96 30.65
N PHE B 165 -19.95 1.65 29.90
CA PHE B 165 -20.52 2.61 28.97
C PHE B 165 -21.01 3.85 29.71
N LEU B 166 -21.74 3.67 30.79
CA LEU B 166 -22.24 4.81 31.57
C LEU B 166 -21.10 5.58 32.22
N SER B 167 -20.04 4.90 32.64
CA SER B 167 -18.89 5.59 33.22
C SER B 167 -18.27 6.54 32.21
N LEU B 168 -18.29 6.18 30.92
CA LEU B 168 -17.77 7.08 29.89
C LEU B 168 -18.68 8.29 29.71
N PHE B 169 -20.00 8.12 29.86
CA PHE B 169 -20.89 9.26 29.81
C PHE B 169 -20.61 10.24 30.94
N LEU B 170 -20.38 9.71 32.15
CA LEU B 170 -20.01 10.57 33.27
C LEU B 170 -18.64 11.18 33.08
N LEU B 171 -17.72 10.42 32.47
CA LEU B 171 -16.38 10.96 32.20
C LEU B 171 -16.44 12.08 31.18
N SER B 172 -17.17 11.88 30.08
CA SER B 172 -17.28 12.92 29.06
C SER B 172 -17.92 14.18 29.63
N SER B 173 -18.85 14.04 30.56
CA SER B 173 -19.43 15.21 31.21
C SER B 173 -18.42 15.88 32.14
N SER B 174 -17.58 15.08 32.80
CA SER B 174 -16.55 15.65 33.67
C SER B 174 -15.54 16.46 32.87
N ILE B 175 -15.07 15.92 31.74
CA ILE B 175 -14.09 16.63 30.92
C ILE B 175 -14.67 17.96 30.43
N LYS B 176 -15.96 17.98 30.09
CA LYS B 176 -16.58 19.20 29.60
C LYS B 176 -16.55 20.31 30.66
N PHE B 177 -16.64 19.95 31.94
CA PHE B 177 -16.54 20.94 33.00
C PHE B 177 -15.12 21.47 33.16
N ARG B 178 -14.11 20.72 32.73
CA ARG B 178 -12.72 21.18 32.77
C ARG B 178 -12.34 21.97 31.52
N ILE B 179 -12.61 21.40 30.34
CA ILE B 179 -12.32 22.06 29.07
C ILE B 179 -13.60 22.79 28.65
N ASP B 180 -13.63 24.10 28.88
CA ASP B 180 -14.82 24.91 28.62
C ASP B 180 -14.92 25.20 27.13
N MET B 181 -15.43 24.23 26.39
CA MET B 181 -15.75 24.38 24.99
C MET B 181 -16.73 23.27 24.59
N PRO B 182 -17.52 23.48 23.54
CA PRO B 182 -18.51 22.45 23.16
C PRO B 182 -17.84 21.12 22.87
N GLN B 183 -18.56 20.03 23.17
CA GLN B 183 -18.05 18.68 23.07
C GLN B 183 -18.98 17.82 22.25
N ILE B 184 -18.42 17.14 21.24
CA ILE B 184 -19.15 16.15 20.45
C ILE B 184 -18.73 14.77 20.91
N SER B 185 -19.71 13.89 21.14
CA SER B 185 -19.44 12.54 21.59
C SER B 185 -19.33 11.61 20.39
N VAL B 186 -18.30 10.77 20.39
CA VAL B 186 -18.03 9.84 19.30
C VAL B 186 -17.83 8.45 19.88
N LEU B 187 -18.46 7.45 19.26
CA LEU B 187 -18.23 6.05 19.59
C LEU B 187 -17.15 5.53 18.65
N SER B 188 -15.92 5.50 19.13
CA SER B 188 -14.76 5.19 18.31
C SER B 188 -14.53 3.69 18.24
N LYS B 189 -13.76 3.27 17.24
CA LYS B 189 -13.39 1.86 17.06
C LYS B 189 -14.63 0.98 16.93
N VAL B 190 -15.65 1.49 16.23
CA VAL B 190 -16.93 0.80 16.15
C VAL B 190 -16.86 -0.46 15.31
N ASP B 191 -15.76 -0.68 14.58
CA ASP B 191 -15.58 -1.94 13.86
C ASP B 191 -15.38 -3.11 14.79
N LEU B 192 -15.03 -2.86 16.06
CA LEU B 192 -14.92 -3.91 17.05
C LEU B 192 -16.29 -4.41 17.53
N LEU B 193 -17.37 -3.81 17.06
CA LEU B 193 -18.72 -4.17 17.46
C LEU B 193 -19.45 -4.82 16.30
N SER B 194 -20.28 -5.81 16.62
CA SER B 194 -21.21 -6.33 15.62
C SER B 194 -22.38 -5.36 15.44
N SER B 195 -23.11 -5.55 14.34
CA SER B 195 -24.32 -4.75 14.12
C SER B 195 -25.30 -4.91 15.27
N SER B 196 -25.38 -6.13 15.82
CA SER B 196 -26.29 -6.37 16.94
C SER B 196 -25.81 -5.65 18.20
N GLU B 197 -24.51 -5.69 18.47
CA GLU B 197 -23.97 -5.00 19.65
C GLU B 197 -24.21 -3.49 19.56
N LEU B 198 -24.00 -2.91 18.39
CA LEU B 198 -24.20 -1.47 18.23
C LEU B 198 -25.66 -1.08 18.42
N GLU B 199 -26.59 -1.90 17.91
CA GLU B 199 -28.00 -1.61 18.09
C GLU B 199 -28.42 -1.77 19.55
N ARG B 200 -27.86 -2.77 20.23
CA ARG B 200 -28.19 -2.97 21.64
C ARG B 200 -27.71 -1.79 22.48
N MET B 201 -26.50 -1.31 22.21
CA MET B 201 -26.00 -0.14 22.93
C MET B 201 -26.82 1.10 22.61
N ARG B 202 -27.31 1.21 21.37
N ARG B 202 -27.32 1.21 21.37
CA ARG B 202 -28.15 2.35 20.98
CA ARG B 202 -28.14 2.36 21.00
C ARG B 202 -29.43 2.37 21.78
C ARG B 202 -29.44 2.37 21.80
N SER B 203 -30.11 1.22 21.90
CA SER B 203 -31.35 1.16 22.64
C SER B 203 -31.13 1.30 24.14
N TRP B 204 -29.98 0.85 24.64
CA TRP B 204 -29.64 1.03 26.05
C TRP B 204 -29.85 2.47 26.50
N ILE B 205 -29.37 3.42 25.71
CA ILE B 205 -29.42 4.84 26.06
C ILE B 205 -30.64 5.53 25.47
N GLU B 206 -30.92 5.29 24.19
CA GLU B 206 -32.03 6.00 23.56
C GLU B 206 -33.37 5.54 24.11
N ASP B 207 -33.58 4.22 24.18
N ASP B 207 -33.59 4.22 24.20
CA ASP B 207 -34.80 3.68 24.78
CA ASP B 207 -34.81 3.71 24.79
C ASP B 207 -34.73 3.62 26.30
C ASP B 207 -34.73 3.60 26.31
N GLY B 208 -33.53 3.71 26.88
CA GLY B 208 -33.38 3.73 28.33
C GLY B 208 -33.37 2.39 29.00
N SER B 209 -33.33 1.29 28.24
CA SER B 209 -33.33 -0.06 28.82
C SER B 209 -32.06 -0.38 29.60
N ILE B 210 -31.03 0.48 29.55
CA ILE B 210 -29.82 0.23 30.32
C ILE B 210 -30.08 0.16 31.81
N ILE B 211 -31.19 0.75 32.28
CA ILE B 211 -31.55 0.65 33.69
C ILE B 211 -31.65 -0.80 34.13
N ASP B 212 -32.26 -1.66 33.30
CA ASP B 212 -32.47 -3.05 33.67
C ASP B 212 -31.17 -3.83 33.76
N GLU B 213 -30.14 -3.44 33.01
CA GLU B 213 -28.89 -4.17 32.96
C GLU B 213 -27.82 -3.56 33.86
N LEU B 214 -28.24 -2.95 34.97
CA LEU B 214 -27.33 -2.26 35.87
C LEU B 214 -27.18 -2.97 37.21
N GLY B 215 -27.90 -4.07 37.43
CA GLY B 215 -27.90 -4.72 38.72
C GLY B 215 -28.50 -3.76 39.75
N SER B 216 -28.20 -4.04 41.01
CA SER B 216 -28.64 -3.17 42.09
C SER B 216 -27.53 -2.16 42.39
N ILE B 217 -27.89 -0.87 42.40
CA ILE B 217 -26.95 0.21 42.62
C ILE B 217 -27.57 1.18 43.62
N ASP B 218 -26.72 1.98 44.25
CA ASP B 218 -27.19 2.98 45.20
C ASP B 218 -28.04 4.02 44.49
N GLU B 219 -28.92 4.67 45.28
CA GLU B 219 -29.85 5.64 44.73
C GLU B 219 -29.12 6.80 44.04
N TYR B 220 -27.98 7.21 44.59
CA TYR B 220 -27.22 8.31 44.00
C TYR B 220 -26.81 7.97 42.57
N SER B 221 -26.14 6.83 42.39
CA SER B 221 -25.72 6.41 41.05
C SER B 221 -26.92 6.19 40.14
N PHE B 222 -28.03 5.69 40.69
CA PHE B 222 -29.21 5.42 39.86
C PHE B 222 -29.82 6.72 39.34
N GLU B 223 -29.89 7.76 40.16
CA GLU B 223 -30.43 9.03 39.68
C GLU B 223 -29.51 9.69 38.66
N LEU B 224 -28.20 9.45 38.76
CA LEU B 224 -27.29 9.96 37.74
C LEU B 224 -27.56 9.29 36.40
N VAL B 225 -27.78 7.97 36.41
CA VAL B 225 -28.13 7.27 35.18
C VAL B 225 -29.45 7.80 34.63
N LYS B 226 -30.45 7.99 35.51
CA LYS B 226 -31.72 8.56 35.09
C LYS B 226 -31.51 9.91 34.41
N THR B 227 -30.73 10.79 35.04
CA THR B 227 -30.49 12.12 34.48
C THR B 227 -29.83 12.03 33.10
N ILE B 228 -28.89 11.11 32.94
CA ILE B 228 -28.22 10.95 31.66
C ILE B 228 -29.21 10.47 30.60
N VAL B 229 -29.93 9.38 30.90
CA VAL B 229 -30.80 8.77 29.90
C VAL B 229 -31.94 9.71 29.51
N GLU B 230 -32.52 10.41 30.48
CA GLU B 230 -33.69 11.23 30.18
C GLU B 230 -33.33 12.60 29.62
N ASN B 231 -32.08 13.04 29.77
CA ASN B 231 -31.67 14.35 29.29
C ASN B 231 -30.62 14.32 28.18
N LEU B 232 -30.10 13.15 27.82
CA LEU B 232 -29.11 13.09 26.76
C LEU B 232 -29.74 13.53 25.44
N GLU B 233 -29.01 14.35 24.69
CA GLU B 233 -29.55 14.92 23.46
C GLU B 233 -29.35 14.00 22.25
N SER B 234 -28.23 13.28 22.19
CA SER B 234 -27.96 12.42 21.05
C SER B 234 -27.04 11.28 21.47
N PHE B 235 -27.19 10.15 20.78
CA PHE B 235 -26.26 9.05 20.95
C PHE B 235 -24.91 9.44 20.35
N PRO B 236 -23.80 8.94 20.92
CA PRO B 236 -22.48 9.23 20.34
C PRO B 236 -22.41 8.75 18.88
N ILE B 237 -21.76 9.56 18.06
CA ILE B 237 -21.64 9.26 16.63
C ILE B 237 -20.71 8.05 16.46
N PRO B 238 -21.20 6.94 15.92
CA PRO B 238 -20.34 5.77 15.71
C PRO B 238 -19.37 6.03 14.57
N VAL B 239 -18.07 6.01 14.90
CA VAL B 239 -17.01 6.26 13.93
C VAL B 239 -16.02 5.11 14.00
N SER B 240 -15.48 4.74 12.83
CA SER B 240 -14.40 3.76 12.75
C SER B 240 -13.34 4.32 11.79
N SER B 241 -12.20 4.71 12.35
CA SER B 241 -11.13 5.29 11.53
C SER B 241 -10.55 4.26 10.57
N THR B 242 -10.45 3.00 11.02
CA THR B 242 -9.85 1.98 10.16
C THR B 242 -10.80 1.60 9.01
N ASN B 243 -12.11 1.59 9.28
CA ASN B 243 -13.08 1.39 8.21
C ASN B 243 -13.44 2.68 7.49
N PHE B 244 -12.99 3.83 8.01
CA PHE B 244 -13.28 5.14 7.41
C PHE B 244 -14.79 5.40 7.31
N SER B 245 -15.51 5.07 8.38
CA SER B 245 -16.95 5.22 8.41
C SER B 245 -17.37 6.24 9.47
N GLY B 246 -18.48 6.93 9.21
CA GLY B 246 -19.02 7.87 10.15
C GLY B 246 -18.38 9.24 10.14
N LEU B 247 -17.36 9.47 9.32
CA LEU B 247 -16.65 10.74 9.34
C LEU B 247 -17.48 11.86 8.73
N ASP B 248 -18.32 11.56 7.73
CA ASP B 248 -19.26 12.56 7.23
C ASP B 248 -20.22 12.98 8.34
N GLN B 249 -20.68 12.02 9.14
CA GLN B 249 -21.57 12.34 10.25
C GLN B 249 -20.86 13.17 11.31
N LEU B 250 -19.60 12.82 11.61
CA LEU B 250 -18.83 13.59 12.57
C LEU B 250 -18.60 15.02 12.09
N TYR B 251 -18.20 15.16 10.83
CA TYR B 251 -17.95 16.50 10.28
C TYR B 251 -19.23 17.33 10.26
N ALA B 252 -20.36 16.70 9.93
CA ALA B 252 -21.63 17.43 9.95
C ALA B 252 -21.95 17.97 11.33
N GLU B 253 -21.69 17.18 12.37
CA GLU B 253 -21.92 17.68 13.74
C GLU B 253 -20.91 18.75 14.11
N VAL B 254 -19.67 18.64 13.61
CA VAL B 254 -18.68 19.69 13.83
C VAL B 254 -19.16 20.99 13.21
N GLN B 255 -19.70 20.93 11.99
CA GLN B 255 -20.22 22.12 11.33
C GLN B 255 -21.36 22.75 12.14
N LYS B 256 -22.30 21.93 12.60
CA LYS B 256 -23.45 22.47 13.34
C LYS B 256 -23.02 23.21 14.59
N VAL B 257 -22.03 22.68 15.32
CA VAL B 257 -21.56 23.34 16.54
C VAL B 257 -20.85 24.65 16.22
N LEU B 258 -19.95 24.61 15.23
CA LEU B 258 -19.17 25.79 14.89
C LEU B 258 -20.00 26.92 14.29
N ALA B 259 -21.29 26.70 14.04
CA ALA B 259 -22.15 27.75 13.50
C ALA B 259 -22.92 28.45 14.62
N SER C 20 -14.17 -3.14 -34.29
CA SER C 20 -13.08 -2.56 -33.52
C SER C 20 -12.20 -3.64 -32.91
N TYR C 21 -10.88 -3.43 -32.99
CA TYR C 21 -9.90 -4.37 -32.46
C TYR C 21 -9.01 -3.63 -31.47
N PHE C 22 -8.81 -4.24 -30.30
CA PHE C 22 -8.02 -3.64 -29.23
C PHE C 22 -6.73 -4.40 -29.01
N ILE C 23 -5.61 -3.69 -29.03
CA ILE C 23 -4.29 -4.26 -28.80
C ILE C 23 -3.72 -3.61 -27.54
N PHE C 24 -3.54 -4.40 -26.49
CA PHE C 24 -3.03 -3.91 -25.22
C PHE C 24 -1.53 -4.22 -25.13
N VAL C 25 -0.72 -3.19 -24.92
CA VAL C 25 0.72 -3.33 -24.83
C VAL C 25 1.12 -3.32 -23.37
N LEU C 26 1.69 -4.44 -22.91
CA LEU C 26 2.08 -4.62 -21.53
C LEU C 26 3.58 -4.86 -21.45
N GLY C 27 4.12 -4.73 -20.25
CA GLY C 27 5.54 -4.96 -20.03
C GLY C 27 6.05 -4.15 -18.86
N THR C 28 7.26 -4.51 -18.42
CA THR C 28 7.91 -3.80 -17.32
C THR C 28 8.19 -2.35 -17.73
N ALA C 29 8.48 -1.53 -16.71
CA ALA C 29 8.78 -0.13 -16.96
C ALA C 29 10.03 -0.01 -17.83
N GLY C 30 9.94 0.83 -18.86
CA GLY C 30 11.05 1.03 -19.77
C GLY C 30 11.32 -0.10 -20.73
N SER C 31 10.43 -1.10 -20.81
CA SER C 31 10.62 -2.21 -21.73
C SER C 31 10.28 -1.85 -23.17
N GLY C 32 9.71 -0.68 -23.41
CA GLY C 32 9.43 -0.21 -24.75
C GLY C 32 7.97 -0.14 -25.13
N LYS C 33 7.04 -0.12 -24.16
CA LYS C 33 5.61 -0.09 -24.49
C LYS C 33 5.26 1.13 -25.33
N THR C 34 5.60 2.32 -24.84
CA THR C 34 5.19 3.56 -25.52
C THR C 34 5.84 3.68 -26.89
N THR C 35 7.12 3.32 -27.01
CA THR C 35 7.79 3.42 -28.30
C THR C 35 7.21 2.42 -29.30
N LEU C 36 6.86 1.21 -28.83
CA LEU C 36 6.27 0.24 -29.73
C LEU C 36 4.90 0.68 -30.21
N VAL C 37 4.13 1.37 -29.36
CA VAL C 37 2.82 1.86 -29.76
C VAL C 37 2.95 2.85 -30.92
N LYS C 38 3.93 3.75 -30.85
CA LYS C 38 4.16 4.67 -31.96
C LYS C 38 4.66 3.93 -33.19
N ALA C 39 5.61 3.01 -33.00
CA ALA C 39 6.17 2.28 -34.13
C ALA C 39 5.16 1.36 -34.77
N LEU C 40 4.33 0.70 -33.96
CA LEU C 40 3.29 -0.17 -34.52
C LEU C 40 2.23 0.65 -35.24
N GLN C 41 1.85 1.81 -34.69
CA GLN C 41 0.90 2.68 -35.37
C GLN C 41 1.44 3.11 -36.73
N ASP C 42 2.72 3.48 -36.81
CA ASP C 42 3.30 3.88 -38.08
C ASP C 42 3.29 2.72 -39.08
N TYR C 43 3.61 1.51 -38.62
CA TYR C 43 3.56 0.36 -39.51
C TYR C 43 2.15 0.12 -40.01
N LEU C 44 1.16 0.21 -39.12
CA LEU C 44 -0.23 -0.05 -39.51
C LEU C 44 -0.77 1.03 -40.42
N LEU C 45 -0.47 2.30 -40.12
CA LEU C 45 -0.91 3.39 -40.99
C LEU C 45 -0.21 3.33 -42.34
N ASN C 46 1.07 2.92 -42.36
CA ASN C 46 1.77 2.73 -43.63
C ASN C 46 1.13 1.65 -44.47
N ASN C 47 0.55 0.62 -43.84
CA ASN C 47 -0.12 -0.47 -44.53
C ASN C 47 -1.62 -0.23 -44.67
N GLU C 48 -2.06 1.03 -44.54
CA GLU C 48 -3.42 1.45 -44.84
C GLU C 48 -4.46 0.82 -43.90
N LEU C 49 -4.20 0.90 -42.60
CA LEU C 49 -5.16 0.51 -41.58
C LEU C 49 -5.27 1.64 -40.56
N ASP C 50 -6.48 2.17 -40.40
CA ASP C 50 -6.72 3.31 -39.51
C ASP C 50 -6.68 2.84 -38.06
N THR C 51 -5.66 3.26 -37.32
CA THR C 51 -5.51 2.87 -35.93
C THR C 51 -5.48 4.11 -35.04
N ALA C 52 -6.24 4.06 -33.95
CA ALA C 52 -6.20 5.08 -32.91
C ALA C 52 -5.40 4.58 -31.72
N ILE C 53 -5.04 5.50 -30.83
CA ILE C 53 -4.25 5.18 -29.65
C ILE C 53 -4.96 5.74 -28.42
N ILE C 54 -5.13 4.89 -27.41
CA ILE C 54 -5.55 5.31 -26.07
C ILE C 54 -4.32 5.22 -25.16
N ASN C 55 -3.99 6.33 -24.52
CA ASN C 55 -2.95 6.34 -23.49
C ASN C 55 -3.61 6.22 -22.14
N LEU C 56 -3.30 5.14 -21.41
CA LEU C 56 -3.83 4.92 -20.07
C LEU C 56 -2.82 5.25 -18.99
N ASP C 57 -1.67 5.83 -19.36
CA ASP C 57 -0.69 6.26 -18.37
C ASP C 57 -0.97 7.71 -18.04
N PRO C 58 -1.51 8.03 -16.86
CA PRO C 58 -1.80 9.43 -16.52
C PRO C 58 -0.59 10.21 -16.05
N ALA C 59 0.60 9.60 -16.01
CA ALA C 59 1.79 10.24 -15.47
C ALA C 59 2.93 10.31 -16.47
N VAL C 60 2.71 9.99 -17.73
CA VAL C 60 3.78 10.00 -18.73
C VAL C 60 4.07 11.43 -19.13
N GLU C 61 5.35 11.78 -19.18
CA GLU C 61 5.75 13.15 -19.45
C GLU C 61 5.64 13.48 -20.93
N VAL C 62 6.38 12.77 -21.78
CA VAL C 62 6.44 13.05 -23.21
C VAL C 62 5.93 11.84 -23.98
N LEU C 63 5.04 12.08 -24.93
CA LEU C 63 4.58 11.01 -25.82
C LEU C 63 5.17 11.19 -27.22
N PRO C 64 5.64 10.12 -27.84
CA PRO C 64 6.13 10.21 -29.22
C PRO C 64 5.06 10.10 -30.29
N TYR C 65 3.81 9.89 -29.89
CA TYR C 65 2.69 9.78 -30.82
C TYR C 65 1.62 10.78 -30.41
N LYS C 66 0.55 10.84 -31.20
CA LYS C 66 -0.61 11.66 -30.87
C LYS C 66 -1.73 10.77 -30.39
N PRO C 67 -2.04 10.73 -29.09
CA PRO C 67 -3.09 9.84 -28.61
C PRO C 67 -4.47 10.41 -28.93
N ASP C 68 -5.36 9.54 -29.39
CA ASP C 68 -6.73 9.95 -29.61
C ASP C 68 -7.48 10.11 -28.29
N ILE C 69 -7.12 9.32 -27.29
CA ILE C 69 -7.64 9.46 -25.93
C ILE C 69 -6.46 9.43 -24.98
N ASP C 70 -6.36 10.46 -24.14
CA ASP C 70 -5.24 10.62 -23.22
C ASP C 70 -5.77 10.57 -21.80
N ALA C 71 -5.28 9.62 -21.01
CA ALA C 71 -5.70 9.51 -19.61
C ALA C 71 -5.32 10.76 -18.83
N ARG C 72 -4.24 11.43 -19.24
CA ARG C 72 -3.84 12.66 -18.56
C ARG C 72 -4.87 13.77 -18.74
N GLU C 73 -5.76 13.64 -19.73
CA GLU C 73 -6.88 14.56 -19.88
C GLU C 73 -8.03 14.22 -18.94
N TYR C 74 -7.96 13.09 -18.25
CA TYR C 74 -8.96 12.67 -17.27
C TYR C 74 -8.47 12.70 -15.84
N VAL C 75 -7.19 12.39 -15.60
CA VAL C 75 -6.64 12.37 -14.24
C VAL C 75 -5.30 13.09 -14.26
N ASP C 76 -5.20 14.17 -13.50
CA ASP C 76 -3.97 14.94 -13.39
C ASP C 76 -3.22 14.46 -12.14
N VAL C 77 -2.10 13.76 -12.36
CA VAL C 77 -1.36 13.20 -11.24
C VAL C 77 -0.81 14.31 -10.35
N TYR C 78 -0.55 15.49 -10.92
CA TYR C 78 -0.07 16.61 -10.12
C TYR C 78 -1.19 17.18 -9.25
N ASP C 79 -2.42 17.22 -9.77
CA ASP C 79 -3.56 17.60 -8.95
C ASP C 79 -3.72 16.68 -7.76
N VAL C 80 -3.56 15.37 -7.98
CA VAL C 80 -3.69 14.40 -6.89
C VAL C 80 -2.61 14.61 -5.84
N MET C 81 -1.43 15.07 -6.25
CA MET C 81 -0.32 15.22 -5.32
C MET C 81 -0.63 16.24 -4.24
N ASN C 82 -1.09 17.43 -4.63
CA ASN C 82 -1.28 18.51 -3.67
C ASN C 82 -2.69 18.59 -3.11
N LYS C 83 -3.71 18.12 -3.83
CA LYS C 83 -5.05 18.04 -3.25
C LYS C 83 -5.06 17.16 -2.01
N TYR C 84 -4.36 16.03 -2.06
CA TYR C 84 -4.31 15.06 -0.99
C TYR C 84 -3.05 15.15 -0.15
N GLU C 85 -2.05 15.92 -0.59
CA GLU C 85 -0.80 16.09 0.14
C GLU C 85 -0.06 14.75 0.25
N LEU C 86 0.01 14.05 -0.89
CA LEU C 86 0.69 12.76 -0.97
C LEU C 86 1.94 12.88 -1.85
N GLY C 87 2.78 11.86 -1.76
CA GLY C 87 4.02 11.82 -2.51
C GLY C 87 3.85 11.26 -3.91
N PRO C 88 4.95 11.18 -4.67
CA PRO C 88 4.84 10.64 -6.03
C PRO C 88 4.32 9.22 -6.08
N ASN C 89 4.79 8.35 -5.18
CA ASN C 89 4.38 6.94 -5.21
C ASN C 89 2.89 6.79 -4.98
N SER C 90 2.39 7.35 -3.87
CA SER C 90 0.96 7.26 -3.55
C SER C 90 0.11 7.89 -4.63
N SER C 91 0.53 9.04 -5.15
CA SER C 91 -0.23 9.71 -6.19
C SER C 91 -0.34 8.85 -7.44
N LEU C 92 0.73 8.14 -7.80
CA LEU C 92 0.68 7.23 -8.93
C LEU C 92 -0.39 6.17 -8.74
N VAL C 93 -0.39 5.51 -7.58
CA VAL C 93 -1.38 4.48 -7.28
C VAL C 93 -2.78 5.09 -7.26
N ILE C 94 -2.93 6.25 -6.61
CA ILE C 94 -4.24 6.89 -6.55
C ILE C 94 -4.70 7.33 -7.93
N SER C 95 -3.77 7.85 -8.75
CA SER C 95 -4.17 8.34 -10.07
C SER C 95 -4.65 7.21 -10.97
N VAL C 96 -3.96 6.07 -10.94
CA VAL C 96 -4.39 4.93 -11.75
C VAL C 96 -5.74 4.43 -11.29
N ASP C 97 -5.98 4.42 -9.97
CA ASP C 97 -7.27 3.97 -9.46
C ASP C 97 -8.40 4.91 -9.85
N LEU C 98 -8.10 6.21 -9.97
CA LEU C 98 -9.13 7.17 -10.34
C LEU C 98 -9.61 6.98 -11.77
N LEU C 99 -8.85 6.28 -12.62
CA LEU C 99 -9.31 6.01 -13.98
C LEU C 99 -10.61 5.22 -14.00
N LEU C 100 -10.89 4.45 -12.95
CA LEU C 100 -12.14 3.71 -12.88
C LEU C 100 -13.33 4.66 -12.73
N THR C 101 -13.16 5.75 -11.98
CA THR C 101 -14.22 6.73 -11.86
C THR C 101 -14.46 7.47 -13.17
N LYS C 102 -13.43 7.57 -14.01
CA LYS C 102 -13.55 8.23 -15.30
C LYS C 102 -13.78 7.25 -16.45
N ALA C 103 -14.14 6.00 -16.13
CA ALA C 103 -14.36 5.00 -17.16
C ALA C 103 -15.58 5.33 -18.01
N LYS C 104 -16.62 5.89 -17.38
CA LYS C 104 -17.83 6.30 -18.10
C LYS C 104 -17.47 7.19 -19.28
N GLU C 105 -16.76 8.28 -19.02
CA GLU C 105 -16.33 9.16 -20.11
C GLU C 105 -15.42 8.43 -21.09
N LEU C 106 -14.61 7.48 -20.60
CA LEU C 106 -13.67 6.77 -21.46
C LEU C 106 -14.41 6.02 -22.57
N LYS C 107 -15.39 5.19 -22.19
CA LYS C 107 -16.16 4.46 -23.19
C LYS C 107 -16.99 5.40 -24.05
N GLU C 108 -17.46 6.51 -23.49
CA GLU C 108 -18.18 7.51 -24.29
C GLU C 108 -17.31 8.07 -25.40
N ASP C 109 -16.06 8.41 -25.07
CA ASP C 109 -15.13 8.89 -26.09
C ASP C 109 -14.64 7.78 -27.00
N LEU C 110 -14.83 6.51 -26.62
CA LEU C 110 -14.46 5.41 -27.51
C LEU C 110 -15.37 5.38 -28.73
N ASN C 111 -16.68 5.43 -28.50
CA ASN C 111 -17.64 5.38 -29.60
C ASN C 111 -17.46 6.54 -30.57
N GLN C 112 -17.00 7.69 -30.09
CA GLN C 112 -16.78 8.82 -30.98
C GLN C 112 -15.60 8.61 -31.92
N LEU C 113 -14.70 7.67 -31.63
CA LEU C 113 -13.63 7.34 -32.55
C LEU C 113 -14.12 6.24 -33.47
N GLN C 114 -13.81 6.37 -34.76
CA GLN C 114 -14.20 5.39 -35.75
C GLN C 114 -12.94 4.80 -36.38
N ALA C 115 -12.41 3.75 -35.75
CA ALA C 115 -11.23 3.07 -36.25
C ALA C 115 -11.40 1.57 -36.04
N ASN C 116 -10.86 0.78 -36.98
CA ASN C 116 -10.93 -0.67 -36.85
C ASN C 116 -9.92 -1.20 -35.84
N TYR C 117 -8.81 -0.50 -35.60
CA TYR C 117 -7.80 -0.95 -34.63
C TYR C 117 -7.54 0.15 -33.62
N VAL C 118 -7.47 -0.24 -32.34
CA VAL C 118 -7.20 0.67 -31.24
C VAL C 118 -6.01 0.15 -30.43
N LEU C 119 -4.91 0.88 -30.44
CA LEU C 119 -3.75 0.55 -29.62
C LEU C 119 -3.91 1.19 -28.25
N VAL C 120 -3.70 0.40 -27.19
CA VAL C 120 -3.88 0.85 -25.82
C VAL C 120 -2.53 0.85 -25.14
N ASP C 121 -2.01 2.04 -24.83
CA ASP C 121 -0.79 2.19 -24.07
C ASP C 121 -1.14 2.21 -22.58
N THR C 122 -0.45 1.38 -21.81
CA THR C 122 -0.73 1.15 -20.41
C THR C 122 0.23 1.94 -19.54
N PRO C 123 -0.09 2.08 -18.23
CA PRO C 123 0.85 2.76 -17.32
C PRO C 123 2.25 2.17 -17.36
N GLY C 124 3.25 2.98 -16.96
CA GLY C 124 4.62 2.55 -17.08
C GLY C 124 4.92 1.26 -16.33
N GLN C 125 4.50 1.20 -15.06
CA GLN C 125 4.69 0.02 -14.24
C GLN C 125 3.51 -0.92 -14.44
N ILE C 126 3.79 -2.09 -15.02
CA ILE C 126 2.73 -3.08 -15.28
C ILE C 126 2.05 -3.54 -13.99
N GLU C 127 2.76 -3.47 -12.86
CA GLU C 127 2.16 -3.92 -11.60
C GLU C 127 0.95 -3.08 -11.24
N LEU C 128 1.06 -1.75 -11.38
CA LEU C 128 -0.07 -0.87 -11.09
C LEU C 128 -1.27 -1.16 -11.97
N PHE C 129 -1.06 -1.76 -13.14
CA PHE C 129 -2.14 -2.08 -14.05
C PHE C 129 -2.67 -3.49 -13.83
N ALA C 130 -1.78 -4.50 -13.87
CA ALA C 130 -2.24 -5.88 -13.85
C ALA C 130 -2.75 -6.29 -12.46
N TYR C 131 -1.99 -5.97 -11.41
CA TYR C 131 -2.29 -6.45 -10.07
C TYR C 131 -3.16 -5.51 -9.26
N ARG C 132 -3.73 -4.48 -9.90
CA ARG C 132 -4.77 -3.68 -9.29
C ARG C 132 -6.08 -3.88 -10.06
N ASP C 133 -7.19 -3.81 -9.33
CA ASP C 133 -8.49 -4.07 -9.95
C ASP C 133 -8.81 -3.07 -11.05
N THR C 134 -8.14 -1.92 -11.07
CA THR C 134 -8.35 -0.95 -12.14
C THR C 134 -8.02 -1.55 -13.50
N GLY C 135 -6.93 -2.31 -13.57
CA GLY C 135 -6.51 -2.97 -14.79
C GLY C 135 -7.56 -3.89 -15.38
N LYS C 136 -8.04 -4.83 -14.57
CA LYS C 136 -9.04 -5.78 -15.06
C LYS C 136 -10.31 -5.08 -15.48
N ILE C 137 -10.77 -4.11 -14.69
CA ILE C 137 -12.03 -3.45 -14.99
C ILE C 137 -11.92 -2.58 -16.23
N LEU C 138 -10.89 -1.72 -16.29
CA LEU C 138 -10.74 -0.81 -17.42
C LEU C 138 -10.56 -1.57 -18.74
N SER C 139 -9.64 -2.53 -18.76
CA SER C 139 -9.38 -3.27 -19.99
C SER C 139 -10.62 -4.02 -20.47
N SER C 140 -11.34 -4.64 -19.54
CA SER C 140 -12.57 -5.34 -19.91
C SER C 140 -13.68 -4.36 -20.28
N PHE C 141 -13.67 -3.16 -19.70
CA PHE C 141 -14.75 -2.21 -19.95
C PHE C 141 -14.59 -1.56 -21.31
N ILE C 142 -13.36 -1.16 -21.67
CA ILE C 142 -13.15 -0.47 -22.94
C ILE C 142 -13.12 -1.43 -24.12
N SER C 143 -12.79 -2.71 -23.92
CA SER C 143 -12.80 -3.69 -24.99
C SER C 143 -14.11 -4.46 -25.03
N GLU C 144 -15.12 -3.98 -24.31
CA GLU C 144 -16.42 -4.63 -24.28
C GLU C 144 -17.10 -4.54 -25.64
N GLY C 145 -17.53 -5.70 -26.16
CA GLY C 145 -18.14 -5.74 -27.48
C GLY C 145 -17.16 -5.72 -28.63
N SER C 146 -15.87 -5.84 -28.35
CA SER C 146 -14.82 -5.86 -29.37
C SER C 146 -13.87 -7.01 -29.09
N LYS C 147 -13.04 -7.30 -30.08
CA LYS C 147 -11.96 -8.27 -29.91
C LYS C 147 -10.75 -7.60 -29.31
N SER C 148 -10.12 -8.28 -28.36
CA SER C 148 -8.98 -7.73 -27.65
C SER C 148 -7.82 -8.73 -27.65
N VAL C 149 -6.60 -8.22 -27.73
CA VAL C 149 -5.39 -9.01 -27.60
C VAL C 149 -4.37 -8.19 -26.81
N SER C 150 -3.61 -8.86 -25.96
CA SER C 150 -2.57 -8.20 -25.18
C SER C 150 -1.20 -8.58 -25.74
N VAL C 151 -0.26 -7.65 -25.63
CA VAL C 151 1.11 -7.86 -26.09
C VAL C 151 2.04 -7.57 -24.91
N PHE C 152 2.81 -8.57 -24.51
CA PHE C 152 3.75 -8.45 -23.40
C PHE C 152 5.16 -8.35 -23.94
N LEU C 153 5.90 -7.36 -23.48
CA LEU C 153 7.25 -7.08 -23.97
C LEU C 153 8.27 -7.73 -23.04
N PHE C 154 9.11 -8.59 -23.61
CA PHE C 154 10.30 -9.10 -22.92
C PHE C 154 11.44 -8.13 -23.20
N ASP C 155 11.87 -7.42 -22.17
CA ASP C 155 12.99 -6.49 -22.33
C ASP C 155 14.25 -7.27 -22.69
N SER C 156 14.84 -6.95 -23.85
CA SER C 156 16.02 -7.67 -24.32
C SER C 156 17.17 -7.52 -23.33
N TYR C 157 17.28 -6.35 -22.70
CA TYR C 157 18.33 -6.15 -21.70
C TYR C 157 18.16 -7.11 -20.53
N LEU C 158 16.91 -7.30 -20.07
CA LEU C 158 16.67 -8.25 -18.98
C LEU C 158 16.84 -9.69 -19.45
N SER C 159 16.58 -9.95 -20.73
CA SER C 159 16.62 -11.32 -21.24
C SER C 159 18.04 -11.83 -21.51
N LYS C 160 19.05 -10.95 -21.40
CA LYS C 160 20.43 -11.40 -21.62
C LYS C 160 20.87 -12.41 -20.56
N ASP C 161 20.32 -12.32 -19.36
CA ASP C 161 20.63 -13.24 -18.27
C ASP C 161 19.60 -14.38 -18.26
N PRO C 162 20.04 -15.64 -18.29
CA PRO C 162 19.07 -16.74 -18.41
C PRO C 162 18.07 -16.81 -17.27
N LYS C 163 18.48 -16.47 -16.04
CA LYS C 163 17.53 -16.48 -14.93
C LYS C 163 16.53 -15.35 -15.06
N SER C 164 17.00 -14.15 -15.43
CA SER C 164 16.08 -13.04 -15.65
C SER C 164 15.20 -13.28 -16.87
N PHE C 165 15.72 -13.95 -17.89
CA PHE C 165 14.91 -14.33 -19.03
C PHE C 165 13.75 -15.21 -18.60
N LEU C 166 14.03 -16.23 -17.78
CA LEU C 166 12.97 -17.13 -17.31
C LEU C 166 12.01 -16.42 -16.38
N SER C 167 12.50 -15.46 -15.58
CA SER C 167 11.62 -14.69 -14.71
C SER C 167 10.60 -13.90 -15.52
N LEU C 168 11.00 -13.44 -16.72
CA LEU C 168 10.06 -12.74 -17.58
C LEU C 168 8.98 -13.67 -18.12
N PHE C 169 9.34 -14.93 -18.39
CA PHE C 169 8.33 -15.90 -18.82
C PHE C 169 7.30 -16.15 -17.72
N LEU C 170 7.77 -16.27 -16.47
CA LEU C 170 6.84 -16.44 -15.36
C LEU C 170 6.03 -15.17 -15.14
N LEU C 171 6.64 -14.00 -15.35
CA LEU C 171 5.90 -12.75 -15.22
C LEU C 171 4.83 -12.64 -16.30
N SER C 172 5.19 -12.92 -17.56
CA SER C 172 4.22 -12.85 -18.65
C SER C 172 3.07 -13.82 -18.43
N SER C 173 3.35 -14.99 -17.86
CA SER C 173 2.29 -15.93 -17.56
C SER C 173 1.43 -15.43 -16.41
N SER C 174 2.04 -14.76 -15.43
CA SER C 174 1.28 -14.20 -14.31
C SER C 174 0.31 -13.12 -14.79
N ILE C 175 0.78 -12.23 -15.66
CA ILE C 175 -0.09 -11.15 -16.16
C ILE C 175 -1.30 -11.72 -16.87
N LYS C 176 -1.14 -12.81 -17.62
CA LYS C 176 -2.26 -13.39 -18.34
C LYS C 176 -3.35 -13.88 -17.39
N PHE C 177 -2.97 -14.37 -16.21
CA PHE C 177 -3.97 -14.80 -15.25
C PHE C 177 -4.74 -13.63 -14.66
N ARG C 178 -4.15 -12.42 -14.69
CA ARG C 178 -4.85 -11.22 -14.24
C ARG C 178 -5.64 -10.59 -15.37
N ILE C 179 -5.00 -10.35 -16.51
CA ILE C 179 -5.68 -9.77 -17.67
C ILE C 179 -6.15 -10.94 -18.53
N ASP C 180 -7.44 -11.27 -18.42
CA ASP C 180 -8.01 -12.44 -19.09
C ASP C 180 -8.26 -12.11 -20.56
N MET C 181 -7.19 -12.19 -21.35
CA MET C 181 -7.26 -12.06 -22.79
C MET C 181 -6.00 -12.66 -23.39
N PRO C 182 -6.05 -13.11 -24.65
CA PRO C 182 -4.86 -13.72 -25.25
C PRO C 182 -3.66 -12.78 -25.22
N GLN C 183 -2.47 -13.37 -25.08
CA GLN C 183 -1.25 -12.60 -24.92
C GLN C 183 -0.21 -13.08 -25.92
N ILE C 184 0.36 -12.15 -26.67
CA ILE C 184 1.46 -12.42 -27.58
C ILE C 184 2.74 -11.93 -26.93
N SER C 185 3.78 -12.77 -26.94
CA SER C 185 5.05 -12.44 -26.33
C SER C 185 5.97 -11.80 -27.36
N VAL C 186 6.60 -10.70 -26.96
CA VAL C 186 7.49 -9.94 -27.84
C VAL C 186 8.81 -9.72 -27.12
N LEU C 187 9.92 -9.94 -27.83
CA LEU C 187 11.25 -9.63 -27.32
C LEU C 187 11.57 -8.22 -27.79
N SER C 188 11.38 -7.24 -26.91
CA SER C 188 11.45 -5.84 -27.29
C SER C 188 12.87 -5.31 -27.22
N LYS C 189 13.10 -4.20 -27.94
CA LYS C 189 14.40 -3.54 -28.00
C LYS C 189 15.49 -4.53 -28.42
N VAL C 190 15.16 -5.37 -29.40
CA VAL C 190 16.06 -6.44 -29.83
C VAL C 190 17.28 -5.92 -30.57
N ASP C 191 17.32 -4.64 -30.91
CA ASP C 191 18.53 -4.08 -31.49
C ASP C 191 19.67 -4.00 -30.49
N LEU C 192 19.37 -4.10 -29.20
CA LEU C 192 20.39 -4.15 -28.16
C LEU C 192 21.14 -5.48 -28.13
N LEU C 193 20.75 -6.44 -28.96
CA LEU C 193 21.37 -7.75 -28.99
C LEU C 193 22.16 -7.94 -30.27
N SER C 194 23.29 -8.63 -30.16
CA SER C 194 23.99 -9.09 -31.34
C SER C 194 23.30 -10.32 -31.91
N SER C 195 23.64 -10.66 -33.15
CA SER C 195 23.14 -11.89 -33.75
C SER C 195 23.50 -13.09 -32.89
N SER C 196 24.69 -13.07 -32.28
CA SER C 196 25.12 -14.18 -31.42
C SER C 196 24.29 -14.25 -30.15
N GLU C 197 24.00 -13.10 -29.53
CA GLU C 197 23.21 -13.11 -28.29
C GLU C 197 21.82 -13.68 -28.53
N LEU C 198 21.18 -13.32 -29.64
CA LEU C 198 19.86 -13.85 -29.94
C LEU C 198 19.91 -15.37 -30.16
N GLU C 199 20.98 -15.85 -30.80
CA GLU C 199 21.11 -17.28 -31.06
C GLU C 199 21.20 -18.08 -29.77
N ARG C 200 21.93 -17.56 -28.77
CA ARG C 200 21.99 -18.26 -27.49
C ARG C 200 20.64 -18.22 -26.78
N MET C 201 19.98 -17.06 -26.80
CA MET C 201 18.66 -16.94 -26.19
C MET C 201 17.63 -17.80 -26.90
N ARG C 202 17.77 -17.94 -28.22
N ARG C 202 17.75 -17.95 -28.22
CA ARG C 202 16.84 -18.78 -28.98
CA ARG C 202 16.82 -18.79 -28.95
C ARG C 202 17.04 -20.26 -28.65
C ARG C 202 17.04 -20.26 -28.61
N SER C 203 18.29 -20.72 -28.66
CA SER C 203 18.58 -22.11 -28.33
C SER C 203 18.28 -22.41 -26.86
N TRP C 204 18.44 -21.42 -26.00
CA TRP C 204 18.07 -21.57 -24.60
C TRP C 204 16.65 -22.11 -24.45
N ILE C 205 15.72 -21.55 -25.21
CA ILE C 205 14.31 -21.92 -25.10
C ILE C 205 13.92 -22.98 -26.12
N GLU C 206 14.36 -22.84 -27.38
CA GLU C 206 13.93 -23.78 -28.41
C GLU C 206 14.55 -25.15 -28.20
N ASP C 207 15.84 -25.21 -27.85
CA ASP C 207 16.46 -26.49 -27.54
C ASP C 207 16.17 -26.92 -26.11
N GLY C 208 16.31 -25.99 -25.17
CA GLY C 208 16.30 -26.31 -23.76
C GLY C 208 17.65 -26.17 -23.10
N SER C 209 18.65 -25.62 -23.79
CA SER C 209 19.98 -25.45 -23.22
C SER C 209 20.02 -24.46 -22.07
N ILE C 210 18.95 -23.71 -21.84
CA ILE C 210 18.91 -22.82 -20.68
C ILE C 210 18.99 -23.64 -19.40
N ILE C 211 18.56 -24.91 -19.45
CA ILE C 211 18.68 -25.80 -18.30
C ILE C 211 20.14 -25.92 -17.87
N ASP C 212 21.06 -26.07 -18.83
CA ASP C 212 22.46 -26.26 -18.49
C ASP C 212 23.07 -25.00 -17.86
N GLU C 213 22.59 -23.83 -18.24
CA GLU C 213 23.09 -22.53 -17.78
C GLU C 213 22.19 -21.90 -16.74
N LEU C 214 21.62 -22.69 -15.82
CA LEU C 214 20.65 -22.18 -14.86
C LEU C 214 21.19 -21.99 -13.45
N GLY C 215 22.46 -22.31 -13.20
CA GLY C 215 22.93 -22.13 -11.84
C GLY C 215 22.25 -23.06 -10.84
N SER C 216 22.23 -22.60 -9.58
CA SER C 216 21.61 -23.35 -8.49
C SER C 216 20.12 -23.03 -8.41
N ILE C 217 19.30 -24.09 -8.42
CA ILE C 217 17.85 -23.95 -8.38
C ILE C 217 17.26 -24.94 -7.39
N ASP C 218 16.14 -24.54 -6.78
CA ASP C 218 15.31 -25.45 -6.02
C ASP C 218 14.53 -26.36 -6.98
N GLU C 219 14.11 -27.52 -6.46
CA GLU C 219 13.37 -28.46 -7.31
C GLU C 219 12.09 -27.83 -7.84
N TYR C 220 11.43 -27.00 -7.03
CA TYR C 220 10.21 -26.32 -7.46
C TYR C 220 10.45 -25.44 -8.67
N SER C 221 11.39 -24.50 -8.55
CA SER C 221 11.69 -23.61 -9.67
C SER C 221 12.22 -24.39 -10.87
N PHE C 222 12.99 -25.45 -10.62
CA PHE C 222 13.52 -26.26 -11.71
C PHE C 222 12.38 -26.95 -12.46
N GLU C 223 11.38 -27.43 -11.72
CA GLU C 223 10.21 -28.03 -12.36
C GLU C 223 9.41 -26.98 -13.13
N LEU C 224 9.42 -25.73 -12.67
CA LEU C 224 8.77 -24.65 -13.41
C LEU C 224 9.47 -24.38 -14.73
N VAL C 225 10.81 -24.31 -14.70
CA VAL C 225 11.57 -24.10 -15.94
C VAL C 225 11.35 -25.26 -16.90
N LYS C 226 11.37 -26.50 -16.38
CA LYS C 226 11.09 -27.66 -17.20
C LYS C 226 9.76 -27.52 -17.90
N THR C 227 8.72 -27.11 -17.16
CA THR C 227 7.40 -26.94 -17.75
C THR C 227 7.41 -25.88 -18.84
N ILE C 228 8.16 -24.79 -18.63
CA ILE C 228 8.20 -23.71 -19.62
C ILE C 228 8.82 -24.20 -20.92
N VAL C 229 10.03 -24.78 -20.85
CA VAL C 229 10.74 -25.16 -22.06
C VAL C 229 10.00 -26.27 -22.80
N GLU C 230 9.42 -27.22 -22.07
CA GLU C 230 8.81 -28.38 -22.71
C GLU C 230 7.39 -28.12 -23.20
N ASN C 231 6.74 -27.05 -22.74
CA ASN C 231 5.37 -26.76 -23.15
C ASN C 231 5.24 -25.47 -23.95
N LEU C 232 6.30 -24.67 -24.06
CA LEU C 232 6.23 -23.45 -24.85
C LEU C 232 6.09 -23.80 -26.33
N GLU C 233 5.17 -23.12 -27.00
CA GLU C 233 4.92 -23.36 -28.41
C GLU C 233 5.78 -22.50 -29.33
N SER C 234 6.10 -21.27 -28.91
CA SER C 234 6.85 -20.39 -29.78
C SER C 234 7.70 -19.44 -28.96
N PHE C 235 8.83 -19.05 -29.55
CA PHE C 235 9.72 -18.05 -28.98
C PHE C 235 9.07 -16.67 -29.08
N PRO C 236 9.35 -15.77 -28.14
CA PRO C 236 8.86 -14.39 -28.26
C PRO C 236 9.31 -13.76 -29.56
N ILE C 237 8.40 -12.98 -30.16
CA ILE C 237 8.66 -12.34 -31.45
C ILE C 237 9.73 -11.28 -31.28
N PRO C 238 10.89 -11.41 -31.95
CA PRO C 238 11.93 -10.37 -31.84
C PRO C 238 11.48 -9.11 -32.59
N VAL C 239 11.30 -8.04 -31.83
CA VAL C 239 10.87 -6.76 -32.38
C VAL C 239 11.84 -5.67 -31.94
N SER C 240 12.08 -4.70 -32.81
CA SER C 240 12.88 -3.52 -32.48
C SER C 240 12.14 -2.31 -33.03
N SER C 241 11.59 -1.50 -32.12
CA SER C 241 10.85 -0.31 -32.55
C SER C 241 11.77 0.71 -33.20
N THR C 242 13.00 0.83 -32.72
CA THR C 242 13.93 1.80 -33.28
C THR C 242 14.44 1.37 -34.64
N ASN C 243 14.67 0.08 -34.83
CA ASN C 243 15.01 -0.46 -36.14
C ASN C 243 13.80 -0.74 -37.01
N PHE C 244 12.59 -0.66 -36.45
CA PHE C 244 11.36 -0.93 -37.18
C PHE C 244 11.36 -2.35 -37.73
N SER C 245 11.79 -3.30 -36.91
CA SER C 245 11.89 -4.70 -37.28
C SER C 245 10.94 -5.54 -36.43
N GLY C 246 10.45 -6.62 -37.02
CA GLY C 246 9.57 -7.55 -36.34
C GLY C 246 8.11 -7.13 -36.29
N LEU C 247 7.77 -5.95 -36.80
CA LEU C 247 6.38 -5.51 -36.74
C LEU C 247 5.50 -6.29 -37.71
N ASP C 248 6.06 -6.72 -38.85
CA ASP C 248 5.32 -7.60 -39.73
C ASP C 248 4.98 -8.92 -39.05
N GLN C 249 5.93 -9.50 -38.31
CA GLN C 249 5.65 -10.73 -37.57
C GLN C 249 4.67 -10.47 -36.43
N LEU C 250 4.84 -9.35 -35.72
CA LEU C 250 3.93 -9.01 -34.63
C LEU C 250 2.51 -8.82 -35.15
N TYR C 251 2.37 -8.06 -36.24
CA TYR C 251 1.04 -7.83 -36.81
C TYR C 251 0.40 -9.13 -37.27
N ALA C 252 1.18 -10.01 -37.90
CA ALA C 252 0.64 -11.30 -38.34
C ALA C 252 0.17 -12.13 -37.16
N GLU C 253 0.93 -12.13 -36.07
CA GLU C 253 0.51 -12.89 -34.88
C GLU C 253 -0.72 -12.25 -34.24
N VAL C 254 -0.82 -10.92 -34.27
CA VAL C 254 -2.03 -10.25 -33.80
C VAL C 254 -3.23 -10.68 -34.64
N GLN C 255 -3.05 -10.72 -35.97
CA GLN C 255 -4.14 -11.14 -36.86
C GLN C 255 -4.59 -12.56 -36.56
N LYS C 256 -3.63 -13.49 -36.42
CA LYS C 256 -3.99 -14.89 -36.17
C LYS C 256 -4.78 -15.03 -34.87
N VAL C 257 -4.41 -14.27 -33.84
CA VAL C 257 -5.14 -14.33 -32.57
C VAL C 257 -6.55 -13.76 -32.75
N LEU C 258 -6.67 -12.64 -33.45
CA LEU C 258 -7.95 -11.98 -33.66
C LEU C 258 -8.92 -12.81 -34.52
N ALA C 259 -8.46 -13.93 -35.07
CA ALA C 259 -9.33 -14.79 -35.86
C ALA C 259 -9.89 -15.93 -35.02
MG MG D . 5.46 0.24 2.03
PB GDP E . 3.05 -1.84 1.26
O1B GDP E . 4.14 -1.37 2.18
O2B GDP E . 2.89 -0.89 0.10
O3B GDP E . 3.40 -3.20 0.71
O3A GDP E . 1.65 -1.95 2.04
PA GDP E . 1.38 -1.18 3.43
O1A GDP E . 1.69 0.29 3.31
O2A GDP E . 2.15 -1.80 4.57
O5' GDP E . -0.20 -1.42 3.61
C5' GDP E . -1.10 -0.88 2.65
C4' GDP E . -2.48 -0.81 3.28
O4' GDP E . -2.84 -2.11 3.74
C3' GDP E . -2.46 0.11 4.49
O3' GDP E . -3.54 1.05 4.38
C2' GDP E . -2.67 -0.78 5.69
O2' GDP E . -3.57 -0.18 6.62
C1' GDP E . -3.27 -2.06 5.11
N9 GDP E . -2.80 -3.26 5.84
C8 GDP E . -1.53 -3.62 6.04
N7 GDP E . -1.46 -4.78 6.73
C5 GDP E . -2.72 -5.18 6.97
C6 GDP E . -3.37 -6.33 7.66
O6 GDP E . -2.70 -7.23 8.20
N1 GDP E . -4.72 -6.36 7.68
C2 GDP E . -5.47 -5.40 7.11
N2 GDP E . -6.82 -5.52 7.18
N3 GDP E . -4.94 -4.33 6.47
C4 GDP E . -3.60 -4.18 6.38
MG MG F . -2.37 9.28 20.62
PB GDP G . -4.85 7.23 21.36
O1B GDP G . -4.31 8.34 20.50
O2B GDP G . -6.00 7.73 22.20
O3B GDP G . -3.76 6.71 22.26
O3A GDP G . -5.38 6.03 20.42
PA GDP G . -4.52 5.50 19.17
O1A GDP G . -4.84 6.29 17.93
O2A GDP G . -3.04 5.53 19.46
O5' GDP G . -5.06 3.99 19.04
C5' GDP G . -4.54 2.97 19.89
C4' GDP G . -4.74 1.63 19.21
O4' GDP G . -6.07 1.54 18.72
C3' GDP G . -3.81 1.53 18.00
O3' GDP G . -3.08 0.30 18.06
C2' GDP G . -4.71 1.52 16.79
O2' GDP G . -4.27 0.55 15.84
C1' GDP G . -6.08 1.15 17.35
N9 GDP G . -7.17 1.86 16.62
C8 GDP G . -7.26 3.18 16.37
N7 GDP G . -8.39 3.48 15.68
C5 GDP G . -9.06 2.32 15.50
C6 GDP G . -10.33 1.91 14.85
O6 GDP G . -11.08 2.75 14.30
N1 GDP G . -10.64 0.61 14.88
C2 GDP G . -9.86 -0.32 15.46
N2 GDP G . -10.26 -1.62 15.44
N3 GDP G . -8.69 -0.01 16.06
C4 GDP G . -8.25 1.27 16.11
MG MG H . 5.50 4.34 -21.51
PB GDP I . 7.80 2.10 -21.54
O1B GDP I . 8.22 2.81 -20.28
O2B GDP I . 7.39 0.69 -21.20
O3B GDP I . 6.64 2.84 -22.17
O3A GDP I . 9.03 2.06 -22.56
PA GDP I . 9.49 3.38 -23.35
O1A GDP I . 9.29 4.62 -22.53
O2A GDP I . 8.76 3.48 -24.68
O5' GDP I . 11.06 3.08 -23.59
C5' GDP I . 12.01 3.44 -22.59
C4' GDP I . 13.34 3.70 -23.26
O4' GDP I . 13.65 2.60 -24.12
C3' GDP I . 13.24 4.94 -24.13
O3' GDP I . 14.29 5.86 -23.78
C2' GDP I . 13.41 4.47 -25.55
O2' GDP I . 14.30 5.34 -26.26
C1' GDP I . 14.00 3.06 -25.42
N9 GDP I . 13.42 2.17 -26.46
C8 GDP I . 12.11 1.96 -26.70
N7 GDP I . 11.94 1.07 -27.71
C5 GDP I . 13.16 0.69 -28.13
C6 GDP I . 13.70 -0.24 -29.15
O6 GDP I . 12.95 -0.89 -29.90
N1 GDP I . 15.04 -0.34 -29.24
C2 GDP I . 15.89 0.34 -28.46
N2 GDP I . 17.22 0.18 -28.62
N3 GDP I . 15.46 1.20 -27.50
C4 GDP I . 14.13 1.41 -27.29
#